data_2E7T
#
_entry.id   2E7T
#
_cell.length_a   157.729
_cell.length_b   91.130
_cell.length_c   73.718
_cell.angle_alpha   90.00
_cell.angle_beta   90.00
_cell.angle_gamma   90.00
#
_symmetry.space_group_name_H-M   'P 21 21 2'
#
loop_
_entity.id
_entity.type
_entity.pdbx_description
1 polymer 'Basic agglutinin'
2 branched alpha-L-fucopyranose-(1-3)-[2-acetamido-2-deoxy-beta-D-glucopyranose-(1-4)]2-acetamido-2-deoxy-beta-D-glucopyranose
3 branched 2-acetamido-2-deoxy-alpha-D-galactopyranose-(1-3)-beta-D-galactopyranose-(1-4)-alpha-D-glucopyranose
4 branched beta-D-mannopyranose-(1-4)-2-acetamido-2-deoxy-beta-D-glucopyranose-(1-4)-[alpha-L-fucopyranose-(1-3)]2-acetamido-2-deoxy-beta-D-glucopyranose
5 branched 2-acetamido-2-deoxy-beta-D-glucopyranose-(1-4)-2-acetamido-2-deoxy-beta-D-glucopyranose
6 non-polymer 'MANGANESE (II) ION'
7 non-polymer 'CALCIUM ION'
8 water water
#
_entity_poly.entity_id   1
_entity_poly.type   'polypeptide(L)'
_entity_poly.pdbx_seq_one_letter_code
;KTISFNFNQFHQNEEQLKLQRDARISSNSVLELTKVVNGVPTWNSTGRALYAKPVQVWDSTTGNVASFETRFSFSIRQPF
PRPHPADGLVFFIAPPNTQTGEGGGYFGIYNPLSPYPFVAVEFDTFRNTWDPQIPHIGIDVNSVISTKTVPFTLDNGGIA
NVVIKYDASTKILHVVLVFPSLGTIYTIADIVDLKQVLPESVNVGFSAATGDPSGKQRNATETHDILSWSFSASLPG
;
_entity_poly.pdbx_strand_id   A,B,C,D
#
# COMPACT_ATOMS: atom_id res chain seq x y z
N LYS A 1 -2.21 8.98 18.63
CA LYS A 1 -3.12 10.15 18.76
C LYS A 1 -4.51 9.77 18.27
N THR A 2 -5.43 9.56 19.21
CA THR A 2 -6.79 9.19 18.89
C THR A 2 -7.78 10.19 19.41
N ILE A 3 -8.68 10.60 18.53
CA ILE A 3 -9.72 11.55 18.92
C ILE A 3 -11.06 10.90 18.61
N SER A 4 -12.06 11.16 19.43
CA SER A 4 -13.39 10.60 19.19
C SER A 4 -14.51 11.25 19.98
N PHE A 5 -15.70 11.20 19.42
CA PHE A 5 -16.86 11.77 20.06
C PHE A 5 -18.10 10.98 19.68
N ASN A 6 -19.11 11.06 20.53
CA ASN A 6 -20.34 10.33 20.27
C ASN A 6 -21.54 11.18 20.64
N PHE A 7 -22.57 11.12 19.81
CA PHE A 7 -23.80 11.86 20.02
C PHE A 7 -24.94 10.90 19.79
N ASN A 8 -25.62 10.48 20.87
CA ASN A 8 -26.76 9.57 20.74
C ASN A 8 -28.01 10.33 20.33
N GLN A 9 -28.00 11.63 20.64
CA GLN A 9 -29.09 12.55 20.35
C GLN A 9 -28.39 13.87 20.43
N PHE A 10 -29.09 14.96 20.10
CA PHE A 10 -28.52 16.31 20.14
C PHE A 10 -29.27 17.20 21.10
N HIS A 11 -28.54 18.05 21.81
CA HIS A 11 -29.17 18.97 22.77
C HIS A 11 -29.05 20.39 22.30
N GLN A 12 -30.10 21.18 22.50
CA GLN A 12 -30.03 22.58 22.13
C GLN A 12 -28.87 23.21 22.88
N ASN A 13 -28.05 23.99 22.18
CA ASN A 13 -26.90 24.66 22.77
C ASN A 13 -25.76 23.68 23.05
N GLU A 14 -25.69 22.62 22.25
CA GLU A 14 -24.62 21.65 22.38
C GLU A 14 -23.33 22.44 22.17
N GLU A 15 -22.45 22.45 23.17
CA GLU A 15 -21.23 23.23 23.03
C GLU A 15 -20.13 22.63 22.14
N GLN A 16 -20.31 21.38 21.71
CA GLN A 16 -19.31 20.76 20.85
C GLN A 16 -19.64 20.89 19.37
N LEU A 17 -20.77 21.51 19.05
CA LEU A 17 -21.17 21.72 17.68
C LEU A 17 -21.15 23.19 17.32
N LYS A 18 -20.89 23.45 16.06
CA LYS A 18 -20.84 24.82 15.55
C LYS A 18 -21.90 24.82 14.46
N LEU A 19 -23.05 25.42 14.74
CA LEU A 19 -24.15 25.49 13.79
C LEU A 19 -24.03 26.73 12.91
N GLN A 20 -24.29 26.58 11.60
CA GLN A 20 -24.20 27.71 10.68
C GLN A 20 -25.45 27.83 9.83
N ARG A 21 -25.80 29.06 9.48
CA ARG A 21 -26.97 29.37 8.66
C ARG A 21 -28.24 28.82 9.29
N ASP A 22 -29.07 28.17 8.48
CA ASP A 22 -30.33 27.61 8.94
C ASP A 22 -30.29 26.40 9.87
N ALA A 23 -29.13 25.82 10.10
CA ALA A 23 -29.07 24.64 10.94
C ALA A 23 -29.50 24.92 12.37
N ARG A 24 -30.34 24.03 12.89
CA ARG A 24 -30.79 24.15 14.26
C ARG A 24 -31.20 22.78 14.88
N ILE A 25 -31.13 22.71 16.20
CA ILE A 25 -31.45 21.50 16.92
C ILE A 25 -32.87 21.58 17.48
N SER A 26 -33.72 20.64 17.08
CA SER A 26 -35.12 20.64 17.51
C SER A 26 -35.25 20.29 18.98
N SER A 27 -36.46 20.47 19.51
CA SER A 27 -36.71 20.20 20.92
C SER A 27 -36.64 18.69 21.22
N ASN A 28 -37.01 17.86 20.24
CA ASN A 28 -36.95 16.44 20.48
C ASN A 28 -35.60 15.81 20.12
N SER A 29 -34.56 16.64 20.13
CA SER A 29 -33.21 16.16 19.90
C SER A 29 -32.67 15.81 18.51
N VAL A 30 -33.29 16.30 17.44
CA VAL A 30 -32.75 16.01 16.12
C VAL A 30 -32.08 17.24 15.53
N LEU A 31 -31.00 17.03 14.80
CA LEU A 31 -30.28 18.12 14.15
C LEU A 31 -30.89 18.37 12.78
N GLU A 32 -31.60 19.47 12.64
CA GLU A 32 -32.23 19.80 11.37
C GLU A 32 -31.33 20.74 10.60
N LEU A 33 -30.67 20.22 9.59
CA LEU A 33 -29.74 21.00 8.79
C LEU A 33 -30.45 22.10 8.04
N THR A 34 -31.59 21.77 7.44
CA THR A 34 -32.34 22.78 6.70
C THR A 34 -33.67 23.12 7.35
N LYS A 35 -34.14 24.33 7.07
CA LYS A 35 -35.37 24.88 7.63
C LYS A 35 -36.65 24.07 7.51
N VAL A 36 -37.37 23.98 8.61
CA VAL A 36 -38.67 23.27 8.66
C VAL A 36 -39.59 24.12 9.54
N VAL A 37 -40.64 24.68 8.95
CA VAL A 37 -41.59 25.50 9.70
C VAL A 37 -42.94 24.80 9.86
N ASN A 38 -43.36 24.62 11.10
CA ASN A 38 -44.64 23.95 11.39
C ASN A 38 -44.68 22.60 10.71
N GLY A 39 -43.61 21.83 10.87
CA GLY A 39 -43.56 20.50 10.26
C GLY A 39 -43.48 20.47 8.74
N VAL A 40 -43.22 21.61 8.12
CA VAL A 40 -43.12 21.65 6.66
C VAL A 40 -41.77 22.21 6.21
N PRO A 41 -41.02 21.45 5.39
CA PRO A 41 -39.71 21.90 4.90
C PRO A 41 -39.88 23.02 3.89
N THR A 42 -38.98 24.00 3.94
CA THR A 42 -39.04 25.14 3.07
C THR A 42 -37.92 25.13 2.03
N TRP A 43 -38.09 25.90 0.96
CA TRP A 43 -37.09 26.01 -0.09
C TRP A 43 -36.12 27.13 0.29
N ASN A 44 -35.09 27.37 -0.53
CA ASN A 44 -34.17 28.45 -0.25
C ASN A 44 -33.49 28.30 1.12
N SER A 45 -33.24 27.05 1.54
CA SER A 45 -32.59 26.84 2.83
C SER A 45 -31.24 26.17 2.74
N THR A 46 -30.34 26.56 3.63
CA THR A 46 -28.98 26.00 3.65
C THR A 46 -28.48 26.03 5.09
N GLY A 47 -27.86 24.94 5.53
CA GLY A 47 -27.35 24.88 6.90
C GLY A 47 -26.23 23.87 7.06
N ARG A 48 -25.33 24.15 8.01
CA ARG A 48 -24.19 23.28 8.27
C ARG A 48 -24.04 23.05 9.74
N ALA A 49 -23.30 22.00 10.08
CA ALA A 49 -23.05 21.69 11.46
C ALA A 49 -21.65 21.09 11.52
N LEU A 50 -20.76 21.74 12.24
CA LEU A 50 -19.38 21.25 12.33
C LEU A 50 -19.03 20.90 13.76
N TYR A 51 -18.11 19.96 13.92
CA TYR A 51 -17.65 19.61 15.26
C TYR A 51 -16.82 20.83 15.66
N ALA A 52 -17.06 21.34 16.86
CA ALA A 52 -16.38 22.54 17.35
C ALA A 52 -14.84 22.54 17.30
N LYS A 53 -14.21 21.42 17.61
CA LYS A 53 -12.76 21.36 17.62
C LYS A 53 -12.20 20.77 16.34
N PRO A 54 -11.04 21.28 15.89
CA PRO A 54 -10.40 20.81 14.67
C PRO A 54 -9.75 19.45 14.92
N VAL A 55 -9.67 18.61 13.88
CA VAL A 55 -9.05 17.30 14.01
C VAL A 55 -7.84 17.25 13.08
N GLN A 56 -6.79 16.54 13.49
CA GLN A 56 -5.61 16.44 12.66
C GLN A 56 -5.68 15.18 11.81
N VAL A 57 -5.75 15.32 10.49
CA VAL A 57 -5.81 14.15 9.63
C VAL A 57 -4.42 13.68 9.17
N TRP A 58 -3.42 14.55 9.22
CA TRP A 58 -2.06 14.12 8.90
C TRP A 58 -1.00 15.02 9.54
N ASP A 59 0.19 14.46 9.71
CA ASP A 59 1.31 15.17 10.32
C ASP A 59 2.44 15.36 9.34
N SER A 60 2.79 16.61 9.09
CA SER A 60 3.86 16.92 8.14
C SER A 60 5.25 16.53 8.64
N THR A 61 5.40 16.34 9.95
CA THR A 61 6.69 15.96 10.50
C THR A 61 7.01 14.49 10.22
N THR A 62 6.06 13.62 10.52
CA THR A 62 6.21 12.19 10.32
C THR A 62 5.75 11.76 8.94
N GLY A 63 4.90 12.57 8.33
CA GLY A 63 4.39 12.23 7.01
C GLY A 63 3.19 11.30 7.09
N ASN A 64 2.85 10.89 8.31
CA ASN A 64 1.73 9.98 8.55
C ASN A 64 0.35 10.57 8.33
N VAL A 65 -0.57 9.73 7.86
CA VAL A 65 -1.95 10.15 7.64
C VAL A 65 -2.85 9.35 8.56
N ALA A 66 -3.95 9.94 8.99
CA ALA A 66 -4.85 9.28 9.91
C ALA A 66 -5.85 8.37 9.23
N SER A 67 -6.37 7.44 10.01
CA SER A 67 -7.41 6.51 9.56
C SER A 67 -8.57 6.94 10.43
N PHE A 68 -9.79 6.84 9.90
CA PHE A 68 -10.92 7.22 10.70
C PHE A 68 -12.17 6.45 10.33
N GLU A 69 -13.15 6.53 11.20
CA GLU A 69 -14.42 5.85 11.03
C GLU A 69 -15.49 6.71 11.66
N THR A 70 -16.59 6.93 10.95
CA THR A 70 -17.68 7.71 11.49
C THR A 70 -18.98 7.06 11.08
N ARG A 71 -19.91 7.07 12.00
CA ARG A 71 -21.21 6.46 11.79
C ARG A 71 -22.25 7.48 12.19
N PHE A 72 -23.33 7.55 11.41
CA PHE A 72 -24.42 8.46 11.71
C PHE A 72 -25.71 7.98 11.09
N SER A 73 -26.81 8.50 11.60
CA SER A 73 -28.13 8.16 11.11
C SER A 73 -28.79 9.42 10.66
N PHE A 74 -29.46 9.36 9.52
CA PHE A 74 -30.15 10.55 9.02
C PHE A 74 -31.52 10.16 8.52
N SER A 75 -32.35 11.16 8.27
CA SER A 75 -33.68 10.92 7.75
C SER A 75 -34.02 12.05 6.80
N ILE A 76 -34.52 11.69 5.62
CA ILE A 76 -34.92 12.65 4.62
C ILE A 76 -36.39 12.40 4.31
N ARG A 77 -37.24 13.36 4.62
CA ARG A 77 -38.64 13.21 4.33
C ARG A 77 -38.98 14.11 3.16
N GLN A 78 -39.59 13.53 2.13
CA GLN A 78 -39.95 14.28 0.93
C GLN A 78 -41.46 14.35 0.81
N PRO A 79 -42.09 15.37 1.43
CA PRO A 79 -43.53 15.56 1.41
C PRO A 79 -44.14 16.01 0.08
N PHE A 80 -43.36 16.67 -0.78
CA PHE A 80 -43.88 17.11 -2.07
C PHE A 80 -43.19 16.38 -3.22
N PRO A 81 -43.82 15.32 -3.74
CA PRO A 81 -43.24 14.56 -4.85
C PRO A 81 -43.07 15.34 -6.15
N ARG A 82 -44.09 16.10 -6.54
CA ARG A 82 -44.01 16.87 -7.78
C ARG A 82 -43.71 18.32 -7.45
N PRO A 83 -42.82 18.97 -8.23
CA PRO A 83 -42.06 18.47 -9.39
C PRO A 83 -40.80 17.69 -9.08
N HIS A 84 -40.11 18.06 -7.99
CA HIS A 84 -38.87 17.39 -7.65
C HIS A 84 -38.20 17.90 -6.35
N PRO A 85 -37.85 16.98 -5.45
CA PRO A 85 -37.19 17.34 -4.18
C PRO A 85 -35.77 17.78 -4.42
N ALA A 86 -35.23 18.58 -3.52
CA ALA A 86 -33.86 19.08 -3.62
C ALA A 86 -33.42 19.52 -2.24
N ASP A 87 -32.11 19.47 -1.96
CA ASP A 87 -31.11 19.02 -2.91
C ASP A 87 -30.35 17.82 -2.38
N GLY A 88 -30.21 17.74 -1.06
CA GLY A 88 -29.51 16.61 -0.48
C GLY A 88 -28.64 17.05 0.68
N LEU A 89 -27.93 16.10 1.27
CA LEU A 89 -27.06 16.41 2.38
C LEU A 89 -25.73 15.73 2.18
N VAL A 90 -24.71 16.21 2.88
CA VAL A 90 -23.38 15.61 2.75
C VAL A 90 -22.64 15.62 4.08
N PHE A 91 -21.64 14.77 4.15
CA PHE A 91 -20.75 14.71 5.29
C PHE A 91 -19.48 15.23 4.64
N PHE A 92 -18.80 16.20 5.25
CA PHE A 92 -17.61 16.70 4.60
C PHE A 92 -16.46 16.99 5.55
N ILE A 93 -15.28 17.17 4.97
CA ILE A 93 -14.06 17.48 5.69
C ILE A 93 -13.48 18.66 4.93
N ALA A 94 -13.15 19.73 5.66
CA ALA A 94 -12.62 20.91 5.02
C ALA A 94 -11.69 21.66 5.98
N PRO A 95 -10.96 22.67 5.45
CA PRO A 95 -10.03 23.44 6.30
C PRO A 95 -10.87 24.10 7.39
N PRO A 96 -10.28 24.39 8.54
CA PRO A 96 -11.08 25.02 9.58
C PRO A 96 -11.44 26.47 9.29
N ASN A 97 -12.50 26.94 9.93
CA ASN A 97 -12.94 28.32 9.77
C ASN A 97 -13.50 28.69 8.42
N THR A 98 -14.22 27.78 7.77
CA THR A 98 -14.81 28.12 6.48
C THR A 98 -16.24 28.59 6.68
N GLN A 99 -16.76 29.35 5.72
CA GLN A 99 -18.13 29.84 5.78
C GLN A 99 -18.98 29.01 4.83
N THR A 100 -20.28 29.00 5.05
CA THR A 100 -21.20 28.26 4.19
C THR A 100 -21.03 28.71 2.75
N GLY A 101 -20.96 27.75 1.83
CA GLY A 101 -20.84 28.11 0.43
C GLY A 101 -22.20 28.29 -0.20
N GLU A 102 -22.26 28.15 -1.51
CA GLU A 102 -23.47 28.29 -2.30
C GLU A 102 -24.44 27.15 -1.95
N GLY A 103 -25.74 27.43 -2.03
CA GLY A 103 -26.71 26.41 -1.72
C GLY A 103 -27.04 25.56 -2.93
N GLY A 104 -28.30 25.16 -3.05
CA GLY A 104 -28.71 24.33 -4.16
C GLY A 104 -27.86 23.09 -4.34
N GLY A 105 -27.49 22.81 -5.59
CA GLY A 105 -26.70 21.63 -5.90
C GLY A 105 -25.28 21.70 -5.38
N TYR A 106 -24.92 22.80 -4.72
CA TYR A 106 -23.58 22.92 -4.15
C TYR A 106 -23.56 22.53 -2.68
N PHE A 107 -24.73 22.11 -2.18
CA PHE A 107 -24.90 21.65 -0.80
C PHE A 107 -24.42 22.59 0.30
N GLY A 108 -23.90 23.75 -0.07
CA GLY A 108 -23.44 24.67 0.93
C GLY A 108 -21.98 24.48 1.25
N ILE A 109 -21.28 23.65 0.48
CA ILE A 109 -19.86 23.44 0.75
C ILE A 109 -18.95 24.02 -0.33
N TYR A 110 -19.50 24.29 -1.50
CA TYR A 110 -18.70 24.85 -2.58
C TYR A 110 -18.96 26.33 -2.74
N ASN A 111 -17.88 27.09 -2.85
CA ASN A 111 -17.95 28.54 -3.01
C ASN A 111 -17.11 28.96 -4.24
N PRO A 112 -17.78 29.23 -5.38
CA PRO A 112 -17.08 29.64 -6.60
C PRO A 112 -16.25 30.92 -6.44
N LEU A 113 -16.75 31.88 -5.67
CA LEU A 113 -16.03 33.14 -5.49
C LEU A 113 -14.70 32.92 -4.79
N SER A 114 -14.58 31.82 -4.07
CA SER A 114 -13.32 31.52 -3.37
C SER A 114 -13.35 30.08 -2.88
N PRO A 115 -13.09 29.12 -3.77
CA PRO A 115 -13.09 27.69 -3.49
C PRO A 115 -12.08 27.25 -2.47
N TYR A 116 -12.48 26.34 -1.58
CA TYR A 116 -11.55 25.78 -0.61
C TYR A 116 -11.64 24.27 -0.82
N PRO A 117 -10.55 23.55 -0.55
CA PRO A 117 -10.58 22.10 -0.73
C PRO A 117 -11.49 21.38 0.25
N PHE A 118 -11.97 20.20 -0.15
CA PHE A 118 -12.84 19.41 0.70
C PHE A 118 -13.03 18.01 0.17
N VAL A 119 -13.37 17.10 1.07
CA VAL A 119 -13.65 15.73 0.70
C VAL A 119 -15.05 15.53 1.28
N ALA A 120 -15.98 15.05 0.48
CA ALA A 120 -17.33 14.87 0.98
C ALA A 120 -18.05 13.63 0.43
N VAL A 121 -19.00 13.15 1.22
CA VAL A 121 -19.80 12.02 0.80
C VAL A 121 -21.22 12.59 0.68
N GLU A 122 -21.75 12.59 -0.53
CA GLU A 122 -23.06 13.16 -0.75
C GLU A 122 -24.20 12.16 -0.90
N PHE A 123 -25.38 12.61 -0.49
CA PHE A 123 -26.61 11.84 -0.63
C PHE A 123 -27.45 12.85 -1.40
N ASP A 124 -27.27 12.79 -2.73
CA ASP A 124 -27.87 13.68 -3.69
C ASP A 124 -29.25 13.29 -4.10
N THR A 125 -30.20 14.22 -4.00
CA THR A 125 -31.58 13.92 -4.35
C THR A 125 -32.15 14.66 -5.56
N PHE A 126 -31.43 15.66 -6.07
CA PHE A 126 -31.87 16.45 -7.20
C PHE A 126 -30.85 16.26 -8.30
N ARG A 127 -31.31 16.11 -9.54
CA ARG A 127 -30.39 15.90 -10.65
C ARG A 127 -29.97 17.15 -11.39
N ASN A 128 -28.75 17.62 -11.14
CA ASN A 128 -28.25 18.79 -11.84
C ASN A 128 -27.67 18.36 -13.17
N THR A 129 -27.22 19.31 -13.96
CA THR A 129 -26.68 19.02 -15.29
C THR A 129 -25.51 18.05 -15.20
N TRP A 130 -24.76 18.13 -14.11
CA TRP A 130 -23.59 17.29 -13.90
C TRP A 130 -23.84 15.96 -13.20
N ASP A 131 -25.11 15.66 -12.91
CA ASP A 131 -25.50 14.45 -12.21
C ASP A 131 -26.07 13.28 -12.98
N PRO A 132 -25.90 12.07 -12.44
CA PRO A 132 -26.43 10.86 -13.05
C PRO A 132 -27.80 10.74 -12.36
N GLN A 133 -28.59 9.73 -12.67
CA GLN A 133 -29.90 9.59 -12.06
C GLN A 133 -29.80 9.70 -10.53
N ILE A 134 -30.85 10.26 -9.92
CA ILE A 134 -30.90 10.41 -8.46
C ILE A 134 -32.02 9.53 -7.87
N PRO A 135 -31.95 9.23 -6.57
CA PRO A 135 -30.90 9.65 -5.63
C PRO A 135 -29.65 8.81 -5.84
N HIS A 136 -28.51 9.32 -5.38
CA HIS A 136 -27.27 8.55 -5.48
C HIS A 136 -26.30 8.96 -4.40
N ILE A 137 -25.38 8.05 -4.10
CA ILE A 137 -24.33 8.32 -3.12
C ILE A 137 -23.20 8.75 -4.01
N GLY A 138 -22.41 9.71 -3.58
CA GLY A 138 -21.31 10.15 -4.41
C GLY A 138 -20.13 10.53 -3.55
N ILE A 139 -18.94 10.35 -4.10
CA ILE A 139 -17.71 10.72 -3.39
C ILE A 139 -17.19 11.96 -4.11
N ASP A 140 -17.08 13.06 -3.37
CA ASP A 140 -16.63 14.31 -3.95
C ASP A 140 -15.29 14.78 -3.42
N VAL A 141 -14.42 15.20 -4.32
CA VAL A 141 -13.11 15.71 -3.95
C VAL A 141 -12.97 17.08 -4.61
N ASN A 142 -13.03 18.15 -3.82
CA ASN A 142 -12.91 19.52 -4.31
C ASN A 142 -13.99 19.93 -5.32
N SER A 143 -15.04 19.12 -5.47
CA SER A 143 -16.07 19.44 -6.42
C SER A 143 -17.27 18.55 -6.24
N VAL A 144 -18.43 19.01 -6.68
CA VAL A 144 -19.66 18.24 -6.56
C VAL A 144 -19.83 17.33 -7.75
N ILE A 145 -18.81 17.27 -8.59
CA ILE A 145 -18.85 16.37 -9.74
C ILE A 145 -18.12 15.13 -9.23
N SER A 146 -18.88 14.24 -8.62
CA SER A 146 -18.36 13.02 -8.00
C SER A 146 -17.40 12.21 -8.83
N THR A 147 -16.43 11.60 -8.15
CA THR A 147 -15.43 10.74 -8.78
C THR A 147 -16.10 9.38 -8.99
N LYS A 148 -16.93 8.99 -8.02
CA LYS A 148 -17.64 7.70 -8.08
C LYS A 148 -19.07 7.95 -7.62
N THR A 149 -20.01 7.16 -8.13
CA THR A 149 -21.41 7.31 -7.77
C THR A 149 -22.15 5.98 -7.79
N VAL A 150 -23.14 5.85 -6.93
CA VAL A 150 -23.96 4.63 -6.92
C VAL A 150 -25.38 5.05 -6.59
N PRO A 151 -26.35 4.58 -7.37
CA PRO A 151 -27.74 4.95 -7.09
C PRO A 151 -28.33 4.21 -5.90
N PHE A 152 -29.33 4.80 -5.27
CA PHE A 152 -30.01 4.15 -4.16
C PHE A 152 -31.47 4.60 -4.14
N THR A 153 -32.33 3.81 -3.51
CA THR A 153 -33.75 4.14 -3.39
C THR A 153 -33.99 4.59 -1.97
N LEU A 154 -34.45 5.82 -1.82
CA LEU A 154 -34.69 6.38 -0.50
C LEU A 154 -35.90 5.82 0.23
N ASP A 155 -35.77 5.70 1.55
CA ASP A 155 -36.90 5.26 2.36
C ASP A 155 -37.46 6.60 2.85
N ASN A 156 -38.44 7.12 2.12
CA ASN A 156 -39.07 8.40 2.43
C ASN A 156 -39.46 8.54 3.90
N GLY A 157 -38.80 9.45 4.61
CA GLY A 157 -39.11 9.66 6.01
C GLY A 157 -38.58 8.57 6.92
N GLY A 158 -37.98 7.54 6.35
CA GLY A 158 -37.44 6.46 7.16
C GLY A 158 -36.05 6.80 7.69
N ILE A 159 -35.48 5.87 8.45
CA ILE A 159 -34.16 6.06 9.04
C ILE A 159 -33.12 5.41 8.16
N ALA A 160 -31.97 6.06 8.04
CA ALA A 160 -30.88 5.54 7.24
C ALA A 160 -29.63 5.45 8.11
N ASN A 161 -28.92 4.33 8.03
CA ASN A 161 -27.69 4.17 8.79
C ASN A 161 -26.53 4.26 7.82
N VAL A 162 -25.55 5.06 8.16
CA VAL A 162 -24.39 5.26 7.32
C VAL A 162 -23.08 4.95 8.04
N VAL A 163 -22.17 4.30 7.34
CA VAL A 163 -20.88 4.03 7.92
C VAL A 163 -19.84 4.48 6.90
N ILE A 164 -18.96 5.37 7.33
CA ILE A 164 -17.90 5.85 6.46
C ILE A 164 -16.60 5.46 7.10
N LYS A 165 -15.76 4.75 6.35
CA LYS A 165 -14.49 4.29 6.87
C LYS A 165 -13.35 4.65 5.93
N TYR A 166 -12.24 5.14 6.50
CA TYR A 166 -11.09 5.50 5.69
C TYR A 166 -9.85 4.82 6.25
N ASP A 167 -9.16 4.06 5.42
CA ASP A 167 -7.97 3.33 5.82
C ASP A 167 -6.75 3.97 5.14
N ALA A 168 -5.91 4.61 5.94
CA ALA A 168 -4.74 5.29 5.40
C ALA A 168 -3.75 4.39 4.66
N SER A 169 -3.53 3.17 5.13
CA SER A 169 -2.59 2.28 4.48
C SER A 169 -2.96 1.97 3.05
N THR A 170 -4.25 1.89 2.75
CA THR A 170 -4.71 1.59 1.39
C THR A 170 -5.25 2.82 0.67
N LYS A 171 -5.58 3.86 1.44
CA LYS A 171 -6.14 5.09 0.90
C LYS A 171 -7.55 4.86 0.42
N ILE A 172 -8.18 3.80 0.92
CA ILE A 172 -9.55 3.49 0.50
C ILE A 172 -10.59 4.17 1.39
N LEU A 173 -11.54 4.84 0.76
CA LEU A 173 -12.63 5.46 1.48
C LEU A 173 -13.85 4.62 1.11
N HIS A 174 -14.42 3.91 2.07
CA HIS A 174 -15.59 3.13 1.77
C HIS A 174 -16.77 3.56 2.62
N VAL A 175 -17.92 3.72 1.98
CA VAL A 175 -19.12 4.09 2.70
C VAL A 175 -20.19 3.06 2.47
N VAL A 176 -20.97 2.82 3.51
CA VAL A 176 -22.08 1.86 3.46
C VAL A 176 -23.36 2.61 3.88
N LEU A 177 -24.44 2.37 3.14
CA LEU A 177 -25.74 2.99 3.42
C LEU A 177 -26.76 1.87 3.64
N VAL A 178 -27.44 1.89 4.77
CA VAL A 178 -28.42 0.86 5.05
C VAL A 178 -29.76 1.44 5.50
N PHE A 179 -30.84 0.91 4.95
CA PHE A 179 -32.18 1.32 5.34
C PHE A 179 -32.77 0.11 6.07
N PRO A 180 -32.62 0.05 7.39
CA PRO A 180 -33.14 -1.08 8.17
C PRO A 180 -34.60 -1.46 7.93
N SER A 181 -35.50 -0.49 7.75
CA SER A 181 -36.90 -0.84 7.51
C SER A 181 -37.10 -1.58 6.21
N LEU A 182 -36.22 -1.36 5.24
CA LEU A 182 -36.33 -2.02 3.94
C LEU A 182 -35.30 -3.16 3.81
N GLY A 183 -34.28 -3.16 4.67
CA GLY A 183 -33.26 -4.18 4.60
C GLY A 183 -32.34 -4.03 3.39
N THR A 184 -32.35 -2.85 2.77
CA THR A 184 -31.50 -2.63 1.61
C THR A 184 -30.11 -2.15 2.04
N ILE A 185 -29.10 -2.51 1.25
CA ILE A 185 -27.72 -2.18 1.53
C ILE A 185 -27.05 -1.61 0.29
N TYR A 186 -26.40 -0.46 0.41
CA TYR A 186 -25.72 0.17 -0.70
C TYR A 186 -24.28 0.41 -0.30
N THR A 187 -23.35 0.10 -1.19
CA THR A 187 -21.95 0.28 -0.87
C THR A 187 -21.18 0.95 -1.99
N ILE A 188 -20.25 1.82 -1.62
CA ILE A 188 -19.45 2.50 -2.61
C ILE A 188 -18.08 2.80 -2.01
N ALA A 189 -17.04 2.74 -2.83
CA ALA A 189 -15.70 2.99 -2.34
C ALA A 189 -14.83 3.61 -3.42
N ASP A 190 -13.77 4.30 -3.02
CA ASP A 190 -12.85 4.91 -3.98
C ASP A 190 -11.56 5.23 -3.26
N ILE A 191 -10.53 5.52 -4.03
CA ILE A 191 -9.23 5.86 -3.48
C ILE A 191 -9.10 7.37 -3.39
N VAL A 192 -8.72 7.85 -2.21
CA VAL A 192 -8.55 9.27 -1.98
C VAL A 192 -7.35 9.52 -1.09
N ASP A 193 -6.45 10.38 -1.55
CA ASP A 193 -5.25 10.68 -0.78
C ASP A 193 -5.46 11.99 0.00
N LEU A 194 -5.93 11.88 1.24
CA LEU A 194 -6.20 13.05 2.06
C LEU A 194 -5.02 14.02 2.17
N LYS A 195 -3.83 13.48 2.38
CA LYS A 195 -2.60 14.25 2.52
C LYS A 195 -2.38 15.14 1.30
N GLN A 196 -2.87 14.66 0.17
CA GLN A 196 -2.72 15.33 -1.09
C GLN A 196 -3.72 16.45 -1.33
N VAL A 197 -4.88 16.44 -0.66
CA VAL A 197 -5.90 17.44 -0.90
C VAL A 197 -6.27 18.33 0.26
N LEU A 198 -6.01 17.88 1.48
CA LEU A 198 -6.36 18.65 2.67
C LEU A 198 -5.18 19.05 3.53
N PRO A 199 -5.36 20.09 4.35
CA PRO A 199 -4.30 20.57 5.25
C PRO A 199 -4.22 19.62 6.46
N GLU A 200 -3.20 19.78 7.30
CA GLU A 200 -3.01 18.93 8.46
C GLU A 200 -4.20 18.91 9.43
N SER A 201 -4.80 20.07 9.64
CA SER A 201 -5.96 20.19 10.54
C SER A 201 -7.20 20.52 9.74
N VAL A 202 -8.32 19.89 10.09
CA VAL A 202 -9.56 20.13 9.38
C VAL A 202 -10.77 20.10 10.30
N ASN A 203 -11.93 20.41 9.73
CA ASN A 203 -13.18 20.35 10.45
C ASN A 203 -14.01 19.27 9.80
N VAL A 204 -14.86 18.61 10.58
CA VAL A 204 -15.72 17.56 10.02
C VAL A 204 -17.16 17.92 10.36
N GLY A 205 -18.09 17.58 9.49
CA GLY A 205 -19.46 17.89 9.77
C GLY A 205 -20.41 17.56 8.65
N PHE A 206 -21.59 18.18 8.68
CA PHE A 206 -22.59 17.96 7.67
C PHE A 206 -23.03 19.29 7.07
N SER A 207 -23.67 19.21 5.90
CA SER A 207 -24.17 20.38 5.23
C SER A 207 -25.27 19.90 4.32
N ALA A 208 -26.34 20.69 4.22
CA ALA A 208 -27.45 20.32 3.36
C ALA A 208 -28.08 21.57 2.75
N ALA A 209 -28.94 21.40 1.76
CA ALA A 209 -29.58 22.52 1.13
C ALA A 209 -30.87 22.11 0.42
N THR A 210 -31.83 23.04 0.36
CA THR A 210 -33.09 22.79 -0.34
C THR A 210 -33.10 23.59 -1.63
N GLY A 211 -34.15 23.41 -2.43
CA GLY A 211 -34.26 24.10 -3.71
C GLY A 211 -33.87 25.57 -3.74
N ASP A 212 -33.05 25.93 -4.71
CA ASP A 212 -32.63 27.32 -4.86
C ASP A 212 -33.76 28.09 -5.56
N PRO A 213 -34.01 29.34 -5.15
CA PRO A 213 -35.07 30.16 -5.76
C PRO A 213 -35.01 30.24 -7.30
N SER A 214 -33.79 30.22 -7.85
CA SER A 214 -33.61 30.28 -9.29
C SER A 214 -34.42 29.24 -10.03
N GLY A 215 -34.74 28.14 -9.33
CA GLY A 215 -35.51 27.07 -9.94
C GLY A 215 -37.00 27.38 -10.02
N LYS A 216 -37.40 28.45 -9.33
CA LYS A 216 -38.80 28.89 -9.32
C LYS A 216 -39.78 27.81 -8.87
N GLN A 217 -39.35 26.97 -7.93
CA GLN A 217 -40.21 25.90 -7.41
C GLN A 217 -40.11 25.80 -5.90
N ARG A 218 -41.19 26.13 -5.21
CA ARG A 218 -41.22 26.07 -3.76
C ARG A 218 -41.32 24.62 -3.28
N ASN A 219 -41.68 23.71 -4.18
CA ASN A 219 -41.82 22.31 -3.83
C ASN A 219 -40.46 21.61 -3.88
N ALA A 220 -39.46 22.28 -4.41
CA ALA A 220 -38.13 21.70 -4.50
C ALA A 220 -37.51 21.70 -3.11
N THR A 221 -38.03 20.84 -2.22
CA THR A 221 -37.54 20.80 -0.87
C THR A 221 -37.77 19.46 -0.19
N GLU A 222 -37.20 19.30 0.99
CA GLU A 222 -37.31 18.09 1.78
C GLU A 222 -36.57 18.35 3.09
N THR A 223 -36.64 17.42 4.03
CA THR A 223 -35.95 17.60 5.30
C THR A 223 -34.58 16.94 5.21
N HIS A 224 -33.66 17.36 6.08
CA HIS A 224 -32.34 16.79 6.14
C HIS A 224 -31.96 16.69 7.61
N ASP A 225 -32.48 15.66 8.29
CA ASP A 225 -32.22 15.50 9.71
C ASP A 225 -31.16 14.48 10.09
N ILE A 226 -30.34 14.83 11.07
CA ILE A 226 -29.30 13.94 11.54
C ILE A 226 -29.74 13.50 12.93
N LEU A 227 -29.89 12.19 13.12
CA LEU A 227 -30.37 11.64 14.37
C LEU A 227 -29.28 11.35 15.39
N SER A 228 -28.14 10.87 14.93
CA SER A 228 -27.04 10.55 15.84
C SER A 228 -25.73 10.59 15.07
N TRP A 229 -24.61 10.69 15.79
CA TRP A 229 -23.33 10.76 15.11
C TRP A 229 -22.12 10.47 15.97
N SER A 230 -21.28 9.54 15.53
CA SER A 230 -20.05 9.23 16.26
C SER A 230 -18.88 9.28 15.28
N PHE A 231 -17.73 9.74 15.79
CA PHE A 231 -16.52 9.89 15.00
C PHE A 231 -15.29 9.43 15.77
N SER A 232 -14.32 8.87 15.05
CA SER A 232 -13.10 8.38 15.63
C SER A 232 -11.99 8.44 14.58
N ALA A 233 -10.85 9.04 14.95
CA ALA A 233 -9.68 9.16 14.07
C ALA A 233 -8.42 8.71 14.81
N SER A 234 -7.46 8.16 14.08
CA SER A 234 -6.19 7.70 14.66
C SER A 234 -4.98 8.11 13.84
N LEU A 235 -4.07 8.85 14.45
CA LEU A 235 -2.86 9.27 13.77
C LEU A 235 -1.71 8.64 14.53
N PRO A 236 -1.00 7.70 13.89
CA PRO A 236 0.15 7.03 14.52
C PRO A 236 1.35 7.95 14.60
N LYS B 1 -19.38 -9.11 -21.73
CA LYS B 1 -19.87 -10.42 -21.24
C LYS B 1 -20.33 -10.28 -19.79
N THR B 2 -21.58 -10.63 -19.52
CA THR B 2 -22.11 -10.54 -18.16
C THR B 2 -22.77 -11.85 -17.75
N ILE B 3 -22.34 -12.40 -16.62
CA ILE B 3 -22.87 -13.66 -16.11
C ILE B 3 -23.49 -13.44 -14.74
N SER B 4 -24.52 -14.21 -14.41
CA SER B 4 -25.15 -14.08 -13.11
C SER B 4 -26.14 -15.21 -12.79
N PHE B 5 -26.34 -15.43 -11.50
CA PHE B 5 -27.27 -16.44 -11.05
C PHE B 5 -27.78 -16.04 -9.69
N ASN B 6 -28.93 -16.56 -9.32
CA ASN B 6 -29.53 -16.22 -8.06
C ASN B 6 -30.21 -17.45 -7.51
N PHE B 7 -29.94 -17.75 -6.25
CA PHE B 7 -30.56 -18.89 -5.55
C PHE B 7 -31.30 -18.27 -4.39
N ASN B 8 -32.62 -18.18 -4.48
CA ASN B 8 -33.40 -17.62 -3.37
C ASN B 8 -33.69 -18.71 -2.38
N GLN B 9 -33.34 -19.94 -2.76
CA GLN B 9 -33.53 -21.13 -1.93
C GLN B 9 -32.65 -22.22 -2.52
N PHE B 10 -32.57 -23.37 -1.85
CA PHE B 10 -31.77 -24.48 -2.38
C PHE B 10 -32.62 -25.73 -2.43
N HIS B 11 -32.54 -26.47 -3.53
CA HIS B 11 -33.31 -27.69 -3.68
C HIS B 11 -32.41 -28.90 -3.44
N GLN B 12 -33.02 -30.02 -3.06
CA GLN B 12 -32.26 -31.24 -2.82
C GLN B 12 -31.66 -31.57 -4.19
N ASN B 13 -30.46 -32.13 -4.20
CA ASN B 13 -29.80 -32.46 -5.46
C ASN B 13 -29.82 -31.25 -6.41
N GLU B 14 -29.13 -30.18 -6.01
CA GLU B 14 -29.05 -28.98 -6.83
C GLU B 14 -28.11 -29.19 -8.02
N GLU B 15 -28.68 -29.30 -9.21
CA GLU B 15 -27.92 -29.52 -10.42
C GLU B 15 -26.87 -28.47 -10.72
N GLN B 16 -27.13 -27.23 -10.30
CA GLN B 16 -26.22 -26.11 -10.53
C GLN B 16 -25.12 -26.03 -9.47
N LEU B 17 -25.22 -26.86 -8.45
CA LEU B 17 -24.21 -26.87 -7.39
C LEU B 17 -23.42 -28.15 -7.37
N LYS B 18 -22.20 -28.03 -6.89
CA LYS B 18 -21.28 -29.14 -6.78
C LYS B 18 -20.96 -29.20 -5.30
N LEU B 19 -21.54 -30.16 -4.59
CA LEU B 19 -21.28 -30.28 -3.16
C LEU B 19 -20.09 -31.20 -2.91
N GLN B 20 -19.24 -30.84 -1.96
CA GLN B 20 -18.07 -31.64 -1.64
C GLN B 20 -18.00 -31.94 -0.14
N ARG B 21 -17.43 -33.09 0.21
CA ARG B 21 -17.29 -33.51 1.60
C ARG B 21 -18.60 -33.52 2.34
N ASP B 22 -18.60 -32.95 3.54
CA ASP B 22 -19.80 -32.92 4.38
C ASP B 22 -20.95 -32.02 3.96
N ALA B 23 -20.75 -31.17 2.95
CA ALA B 23 -21.80 -30.25 2.52
C ALA B 23 -23.07 -30.97 2.06
N ARG B 24 -24.21 -30.51 2.55
CA ARG B 24 -25.48 -31.11 2.18
C ARG B 24 -26.62 -30.08 2.26
N ILE B 25 -27.68 -30.33 1.49
CA ILE B 25 -28.85 -29.45 1.47
C ILE B 25 -29.96 -30.06 2.31
N SER B 26 -30.38 -29.34 3.34
CA SER B 26 -31.43 -29.85 4.23
C SER B 26 -32.78 -29.91 3.56
N SER B 27 -33.73 -30.54 4.24
CA SER B 27 -35.08 -30.70 3.72
C SER B 27 -35.81 -29.36 3.63
N ASN B 28 -35.52 -28.46 4.57
CA ASN B 28 -36.18 -27.17 4.55
C ASN B 28 -35.43 -26.16 3.67
N SER B 29 -34.59 -26.69 2.78
CA SER B 29 -33.83 -25.92 1.79
C SER B 29 -32.57 -25.07 2.12
N VAL B 30 -31.97 -25.22 3.30
CA VAL B 30 -30.77 -24.46 3.58
C VAL B 30 -29.55 -25.28 3.25
N LEU B 31 -28.48 -24.60 2.82
CA LEU B 31 -27.22 -25.27 2.47
C LEU B 31 -26.35 -25.38 3.72
N GLU B 32 -26.22 -26.60 4.23
CA GLU B 32 -25.42 -26.83 5.43
C GLU B 32 -24.04 -27.26 5.01
N LEU B 33 -23.09 -26.35 5.11
CA LEU B 33 -21.71 -26.65 4.71
C LEU B 33 -21.09 -27.71 5.59
N THR B 34 -21.31 -27.61 6.88
CA THR B 34 -20.74 -28.60 7.80
C THR B 34 -21.83 -29.49 8.42
N LYS B 35 -21.42 -30.68 8.83
CA LYS B 35 -22.34 -31.67 9.37
C LYS B 35 -23.13 -31.30 10.63
N VAL B 36 -24.41 -31.65 10.60
CA VAL B 36 -25.29 -31.43 11.72
C VAL B 36 -26.19 -32.67 11.84
N VAL B 37 -26.07 -33.40 12.94
CA VAL B 37 -26.89 -34.59 13.13
C VAL B 37 -27.91 -34.39 14.25
N ASN B 38 -29.18 -34.62 13.91
CA ASN B 38 -30.28 -34.46 14.85
C ASN B 38 -30.24 -33.07 15.46
N GLY B 39 -30.07 -32.07 14.61
CA GLY B 39 -30.03 -30.71 15.09
C GLY B 39 -28.81 -30.31 15.88
N VAL B 40 -27.78 -31.16 15.90
CA VAL B 40 -26.58 -30.82 16.64
C VAL B 40 -25.35 -30.86 15.75
N PRO B 41 -24.58 -29.76 15.70
CA PRO B 41 -23.38 -29.68 14.87
C PRO B 41 -22.26 -30.53 15.45
N THR B 42 -21.51 -31.22 14.59
CA THR B 42 -20.43 -32.07 15.05
C THR B 42 -19.07 -31.51 14.68
N TRP B 43 -18.03 -32.03 15.33
CA TRP B 43 -16.68 -31.58 15.08
C TRP B 43 -16.11 -32.44 13.94
N ASN B 44 -14.87 -32.17 13.54
CA ASN B 44 -14.25 -32.99 12.52
C ASN B 44 -15.02 -32.94 11.20
N SER B 45 -15.67 -31.80 10.91
CA SER B 45 -16.43 -31.67 9.67
C SER B 45 -15.89 -30.59 8.72
N THR B 46 -15.99 -30.85 7.42
CA THR B 46 -15.54 -29.92 6.42
C THR B 46 -16.39 -30.10 5.18
N GLY B 47 -16.83 -29.00 4.57
CA GLY B 47 -17.64 -29.09 3.37
C GLY B 47 -17.56 -27.86 2.50
N ARG B 48 -17.75 -28.03 1.20
CA ARG B 48 -17.69 -26.92 0.26
C ARG B 48 -18.87 -26.98 -0.68
N ALA B 49 -19.13 -25.86 -1.35
CA ALA B 49 -20.21 -25.76 -2.31
C ALA B 49 -19.73 -24.81 -3.38
N LEU B 50 -19.61 -25.30 -4.61
CA LEU B 50 -19.16 -24.48 -5.73
C LEU B 50 -20.24 -24.32 -6.78
N TYR B 51 -20.25 -23.19 -7.48
CA TYR B 51 -21.22 -23.00 -8.54
C TYR B 51 -20.68 -23.97 -9.60
N ALA B 52 -21.56 -24.80 -10.16
CA ALA B 52 -21.16 -25.81 -11.13
C ALA B 52 -20.40 -25.31 -12.37
N LYS B 53 -20.71 -24.11 -12.83
CA LYS B 53 -20.04 -23.59 -14.01
C LYS B 53 -18.92 -22.60 -13.68
N PRO B 54 -17.80 -22.67 -14.42
CA PRO B 54 -16.69 -21.76 -14.18
C PRO B 54 -17.02 -20.37 -14.70
N VAL B 55 -16.43 -19.34 -14.08
CA VAL B 55 -16.67 -17.96 -14.50
C VAL B 55 -15.35 -17.35 -14.91
N GLN B 56 -15.40 -16.46 -15.89
CA GLN B 56 -14.19 -15.78 -16.39
C GLN B 56 -13.99 -14.49 -15.63
N VAL B 57 -12.92 -14.36 -14.86
CA VAL B 57 -12.68 -13.11 -14.15
C VAL B 57 -11.80 -12.15 -14.91
N TRP B 58 -11.05 -12.66 -15.89
CA TRP B 58 -10.23 -11.78 -16.76
C TRP B 58 -9.88 -12.43 -18.10
N ASP B 59 -9.61 -11.59 -19.09
CA ASP B 59 -9.31 -12.04 -20.43
C ASP B 59 -7.90 -11.63 -20.84
N SER B 60 -7.07 -12.64 -21.11
CA SER B 60 -5.67 -12.43 -21.49
C SER B 60 -5.51 -11.72 -22.83
N THR B 61 -6.52 -11.79 -23.68
CA THR B 61 -6.45 -11.14 -24.97
C THR B 61 -6.56 -9.64 -24.86
N THR B 62 -7.60 -9.19 -24.17
CA THR B 62 -7.86 -7.77 -23.97
C THR B 62 -7.15 -7.22 -22.75
N GLY B 63 -6.79 -8.10 -21.83
CA GLY B 63 -6.13 -7.68 -20.61
C GLY B 63 -7.14 -7.16 -19.57
N ASN B 64 -8.42 -7.16 -19.95
CA ASN B 64 -9.48 -6.70 -19.08
C ASN B 64 -9.81 -7.63 -17.91
N VAL B 65 -10.19 -7.03 -16.79
CA VAL B 65 -10.54 -7.77 -15.59
C VAL B 65 -12.02 -7.52 -15.30
N ALA B 66 -12.69 -8.50 -14.71
CA ALA B 66 -14.11 -8.35 -14.44
C ALA B 66 -14.39 -7.66 -13.12
N SER B 67 -15.59 -7.13 -13.03
CA SER B 67 -16.07 -6.49 -11.82
C SER B 67 -17.20 -7.44 -11.41
N PHE B 68 -17.44 -7.59 -10.12
CA PHE B 68 -18.52 -8.47 -9.70
C PHE B 68 -19.13 -8.05 -8.38
N GLU B 69 -20.31 -8.58 -8.12
CA GLU B 69 -21.01 -8.32 -6.88
C GLU B 69 -21.73 -9.59 -6.51
N THR B 70 -21.62 -9.98 -5.23
CA THR B 70 -22.30 -11.17 -4.76
C THR B 70 -22.90 -10.87 -3.40
N ARG B 71 -24.11 -11.36 -3.16
CA ARG B 71 -24.79 -11.16 -1.91
C ARG B 71 -25.32 -12.49 -1.44
N PHE B 72 -25.21 -12.75 -0.15
CA PHE B 72 -25.71 -13.98 0.42
C PHE B 72 -26.03 -13.80 1.88
N SER B 73 -26.78 -14.73 2.43
CA SER B 73 -27.13 -14.68 3.83
C SER B 73 -26.71 -15.99 4.45
N PHE B 74 -26.17 -15.91 5.65
CA PHE B 74 -25.76 -17.12 6.33
C PHE B 74 -26.17 -17.04 7.79
N SER B 75 -26.04 -18.16 8.47
CA SER B 75 -26.37 -18.24 9.88
C SER B 75 -25.42 -19.20 10.55
N ILE B 76 -24.85 -18.76 11.65
CA ILE B 76 -23.92 -19.59 12.41
C ILE B 76 -24.50 -19.71 13.80
N ARG B 77 -24.86 -20.94 14.18
CA ARG B 77 -25.41 -21.17 15.50
C ARG B 77 -24.32 -21.84 16.33
N GLN B 78 -24.05 -21.24 17.47
CA GLN B 78 -23.05 -21.75 18.39
C GLN B 78 -23.76 -22.28 19.62
N PRO B 79 -24.02 -23.59 19.66
CA PRO B 79 -24.70 -24.27 20.74
C PRO B 79 -23.88 -24.37 22.02
N PHE B 80 -22.56 -24.49 21.87
CA PHE B 80 -21.69 -24.68 23.03
C PHE B 80 -20.66 -23.57 23.21
N PRO B 81 -20.97 -22.57 24.01
CA PRO B 81 -20.05 -21.45 24.26
C PRO B 81 -18.64 -21.82 24.74
N ARG B 82 -18.54 -22.86 25.56
CA ARG B 82 -17.23 -23.29 26.06
C ARG B 82 -16.85 -24.64 25.46
N PRO B 83 -15.55 -24.85 25.22
CA PRO B 83 -14.48 -23.89 25.48
C PRO B 83 -14.21 -22.92 24.31
N HIS B 84 -14.74 -23.20 23.13
CA HIS B 84 -14.51 -22.34 21.98
C HIS B 84 -15.09 -22.89 20.66
N PRO B 85 -16.04 -22.16 20.06
CA PRO B 85 -16.61 -22.64 18.80
C PRO B 85 -15.51 -22.64 17.72
N ALA B 86 -15.76 -23.28 16.58
CA ALA B 86 -14.79 -23.32 15.48
C ALA B 86 -15.47 -23.91 14.24
N ASP B 87 -14.97 -23.60 13.03
CA ASP B 87 -13.84 -22.70 12.81
C ASP B 87 -14.29 -21.46 12.05
N GLY B 88 -15.30 -21.63 11.19
CA GLY B 88 -15.79 -20.50 10.44
C GLY B 88 -16.10 -20.88 9.01
N LEU B 89 -16.51 -19.91 8.22
CA LEU B 89 -16.85 -20.16 6.82
C LEU B 89 -16.26 -19.08 5.96
N VAL B 90 -16.13 -19.38 4.67
CA VAL B 90 -15.58 -18.40 3.75
C VAL B 90 -16.25 -18.45 2.40
N PHE B 91 -16.10 -17.37 1.65
CA PHE B 91 -16.58 -17.30 0.29
C PHE B 91 -15.25 -17.25 -0.43
N PHE B 92 -15.04 -18.07 -1.44
CA PHE B 92 -13.76 -18.05 -2.10
C PHE B 92 -13.83 -18.15 -3.61
N ILE B 93 -12.69 -17.85 -4.23
CA ILE B 93 -12.54 -17.89 -5.68
C ILE B 93 -11.24 -18.66 -5.88
N ALA B 94 -11.31 -19.73 -6.68
CA ALA B 94 -10.14 -20.55 -6.93
C ALA B 94 -10.15 -21.12 -8.34
N PRO B 95 -9.03 -21.73 -8.78
CA PRO B 95 -8.97 -22.31 -10.12
C PRO B 95 -10.00 -23.42 -10.14
N PRO B 96 -10.52 -23.75 -11.33
CA PRO B 96 -11.52 -24.83 -11.37
C PRO B 96 -10.97 -26.22 -11.10
N ASN B 97 -11.87 -27.11 -10.72
CA ASN B 97 -11.52 -28.49 -10.44
C ASN B 97 -10.44 -28.62 -9.39
N THR B 98 -10.72 -28.12 -8.19
CA THR B 98 -9.77 -28.24 -7.09
C THR B 98 -10.39 -29.19 -6.08
N GLN B 99 -9.57 -29.70 -5.16
CA GLN B 99 -10.11 -30.62 -4.17
C GLN B 99 -10.12 -29.95 -2.79
N THR B 100 -11.05 -30.38 -1.94
CA THR B 100 -11.13 -29.83 -0.60
C THR B 100 -9.76 -29.88 0.08
N GLY B 101 -9.36 -28.78 0.69
CA GLY B 101 -8.07 -28.74 1.35
C GLY B 101 -8.21 -29.22 2.77
N GLU B 102 -7.24 -28.84 3.60
CA GLU B 102 -7.22 -29.21 5.01
C GLU B 102 -8.38 -28.52 5.75
N GLY B 103 -8.89 -29.17 6.79
CA GLY B 103 -9.98 -28.60 7.55
C GLY B 103 -9.49 -27.67 8.64
N GLY B 104 -10.20 -27.66 9.76
CA GLY B 104 -9.82 -26.81 10.85
C GLY B 104 -9.72 -25.36 10.46
N GLY B 105 -8.66 -24.69 10.94
CA GLY B 105 -8.46 -23.29 10.64
C GLY B 105 -8.13 -22.99 9.19
N TYR B 106 -8.05 -24.03 8.35
CA TYR B 106 -7.77 -23.83 6.93
C TYR B 106 -9.07 -23.79 6.13
N PHE B 107 -10.20 -23.94 6.83
CA PHE B 107 -11.52 -23.86 6.23
C PHE B 107 -11.79 -24.81 5.09
N GLY B 108 -10.82 -25.64 4.72
CA GLY B 108 -11.00 -26.55 3.63
C GLY B 108 -10.60 -25.96 2.29
N ILE B 109 -9.94 -24.81 2.30
CA ILE B 109 -9.52 -24.20 1.03
C ILE B 109 -8.00 -24.21 0.85
N TYR B 110 -7.27 -24.36 1.95
CA TYR B 110 -5.82 -24.40 1.88
C TYR B 110 -5.28 -25.81 1.96
N ASN B 111 -4.37 -26.13 1.05
CA ASN B 111 -3.74 -27.44 1.02
C ASN B 111 -2.22 -27.30 1.01
N PRO B 112 -1.57 -27.49 2.16
CA PRO B 112 -0.10 -27.36 2.26
C PRO B 112 0.64 -28.33 1.35
N LEU B 113 0.09 -29.53 1.19
CA LEU B 113 0.69 -30.55 0.34
C LEU B 113 0.89 -30.01 -1.07
N SER B 114 -0.16 -29.42 -1.62
CA SER B 114 -0.12 -28.87 -2.96
C SER B 114 -1.05 -27.67 -3.03
N PRO B 115 -0.54 -26.51 -2.61
CA PRO B 115 -1.28 -25.24 -2.57
C PRO B 115 -1.71 -24.73 -3.94
N TYR B 116 -2.93 -24.20 -4.00
CA TYR B 116 -3.44 -23.60 -5.23
C TYR B 116 -3.85 -22.17 -4.84
N PRO B 117 -3.75 -21.23 -5.79
CA PRO B 117 -4.12 -19.84 -5.49
C PRO B 117 -5.60 -19.66 -5.19
N PHE B 118 -5.92 -18.61 -4.44
CA PHE B 118 -7.30 -18.33 -4.11
C PHE B 118 -7.46 -16.97 -3.46
N VAL B 119 -8.65 -16.40 -3.59
CA VAL B 119 -8.99 -15.14 -2.94
C VAL B 119 -10.22 -15.52 -2.12
N ALA B 120 -10.24 -15.18 -0.83
CA ALA B 120 -11.38 -15.54 -0.02
C ALA B 120 -11.71 -14.50 1.05
N VAL B 121 -12.98 -14.46 1.44
CA VAL B 121 -13.42 -13.58 2.50
C VAL B 121 -13.83 -14.53 3.60
N GLU B 122 -13.16 -14.44 4.73
CA GLU B 122 -13.47 -15.34 5.83
C GLU B 122 -14.27 -14.73 6.96
N PHE B 123 -15.02 -15.58 7.63
CA PHE B 123 -15.80 -15.21 8.80
C PHE B 123 -15.29 -16.24 9.80
N ASP B 124 -14.16 -15.87 10.40
CA ASP B 124 -13.39 -16.68 11.33
C ASP B 124 -13.88 -16.62 12.77
N THR B 125 -14.13 -17.79 13.35
CA THR B 125 -14.62 -17.83 14.72
C THR B 125 -13.69 -18.48 15.75
N PHE B 126 -12.61 -19.09 15.30
CA PHE B 126 -11.67 -19.70 16.22
C PHE B 126 -10.35 -18.98 16.05
N ARG B 127 -9.66 -18.70 17.15
CA ARG B 127 -8.39 -17.99 17.06
C ARG B 127 -7.16 -18.87 17.00
N ASN B 128 -6.59 -19.00 15.81
CA ASN B 128 -5.38 -19.78 15.61
C ASN B 128 -4.16 -18.91 15.98
N THR B 129 -2.98 -19.53 15.98
CA THR B 129 -1.79 -18.80 16.35
C THR B 129 -1.58 -17.58 15.47
N TRP B 130 -2.06 -17.65 14.22
CA TRP B 130 -1.89 -16.55 13.27
C TRP B 130 -3.03 -15.54 13.25
N ASP B 131 -4.00 -15.70 14.15
CA ASP B 131 -5.16 -14.82 14.17
C ASP B 131 -5.25 -13.79 15.26
N PRO B 132 -6.00 -12.72 14.98
CA PRO B 132 -6.22 -11.65 15.94
C PRO B 132 -7.50 -12.10 16.66
N GLN B 133 -7.98 -11.32 17.63
CA GLN B 133 -9.19 -11.65 18.35
C GLN B 133 -10.31 -12.06 17.37
N ILE B 134 -11.14 -13.03 17.79
CA ILE B 134 -12.26 -13.51 16.98
C ILE B 134 -13.58 -13.16 17.65
N PRO B 135 -14.69 -13.15 16.89
CA PRO B 135 -14.73 -13.44 15.45
C PRO B 135 -14.24 -12.22 14.70
N HIS B 136 -13.87 -12.43 13.43
CA HIS B 136 -13.43 -11.32 12.61
C HIS B 136 -13.66 -11.64 11.15
N ILE B 137 -13.74 -10.59 10.33
CA ILE B 137 -13.89 -10.76 8.88
C ILE B 137 -12.45 -10.62 8.43
N GLY B 138 -12.08 -11.35 7.40
CA GLY B 138 -10.73 -11.23 6.92
C GLY B 138 -10.66 -11.42 5.42
N ILE B 139 -9.69 -10.75 4.81
CA ILE B 139 -9.50 -10.89 3.39
C ILE B 139 -8.25 -11.74 3.21
N ASP B 140 -8.40 -12.86 2.51
CA ASP B 140 -7.30 -13.77 2.31
C ASP B 140 -6.88 -13.92 0.86
N VAL B 141 -5.57 -13.83 0.62
CA VAL B 141 -5.03 -14.00 -0.72
C VAL B 141 -3.97 -15.10 -0.62
N ASN B 142 -4.27 -16.29 -1.17
CA ASN B 142 -3.36 -17.43 -1.16
C ASN B 142 -2.94 -17.89 0.22
N SER B 143 -3.65 -17.46 1.25
CA SER B 143 -3.30 -17.86 2.60
C SER B 143 -4.38 -17.46 3.59
N VAL B 144 -4.46 -18.15 4.73
CA VAL B 144 -5.44 -17.79 5.71
C VAL B 144 -4.87 -16.76 6.70
N ILE B 145 -3.71 -16.21 6.37
CA ILE B 145 -3.12 -15.17 7.18
C ILE B 145 -3.57 -13.90 6.45
N SER B 146 -4.75 -13.43 6.83
CA SER B 146 -5.38 -12.27 6.21
C SER B 146 -4.52 -11.02 6.01
N THR B 147 -4.79 -10.31 4.92
CA THR B 147 -4.11 -9.08 4.61
C THR B 147 -4.72 -7.98 5.46
N LYS B 148 -6.04 -8.06 5.65
CA LYS B 148 -6.76 -7.08 6.44
C LYS B 148 -7.81 -7.82 7.26
N THR B 149 -8.13 -7.32 8.45
CA THR B 149 -9.17 -7.92 9.26
C THR B 149 -9.90 -6.90 10.11
N VAL B 150 -11.14 -7.21 10.45
CA VAL B 150 -11.94 -6.36 11.31
C VAL B 150 -12.77 -7.26 12.18
N PRO B 151 -12.85 -6.96 13.47
CA PRO B 151 -13.64 -7.77 14.39
C PRO B 151 -15.12 -7.51 14.27
N PHE B 152 -15.93 -8.51 14.62
CA PHE B 152 -17.37 -8.35 14.62
C PHE B 152 -17.97 -9.20 15.73
N THR B 153 -19.18 -8.88 16.14
CA THR B 153 -19.83 -9.65 17.18
C THR B 153 -20.97 -10.43 16.53
N LEU B 154 -20.88 -11.75 16.63
CA LEU B 154 -21.85 -12.63 16.04
C LEU B 154 -23.23 -12.60 16.67
N ASP B 155 -24.26 -12.74 15.83
CA ASP B 155 -25.62 -12.84 16.31
C ASP B 155 -25.82 -14.36 16.30
N ASN B 156 -25.60 -14.99 17.45
CA ASN B 156 -25.71 -16.43 17.56
C ASN B 156 -27.01 -16.99 17.02
N GLY B 157 -26.91 -17.78 15.96
CA GLY B 157 -28.10 -18.37 15.37
C GLY B 157 -28.93 -17.40 14.57
N GLY B 158 -28.52 -16.14 14.55
CA GLY B 158 -29.26 -15.14 13.81
C GLY B 158 -28.89 -15.14 12.33
N ILE B 159 -29.54 -14.26 11.57
CA ILE B 159 -29.27 -14.16 10.15
C ILE B 159 -28.26 -13.06 9.88
N ALA B 160 -27.37 -13.28 8.93
CA ALA B 160 -26.37 -12.28 8.58
C ALA B 160 -26.46 -12.01 7.10
N ASN B 161 -26.40 -10.74 6.72
CA ASN B 161 -26.45 -10.38 5.31
C ASN B 161 -25.07 -9.91 4.92
N VAL B 162 -24.55 -10.44 3.82
CA VAL B 162 -23.24 -10.07 3.35
C VAL B 162 -23.26 -9.55 1.93
N VAL B 163 -22.48 -8.52 1.68
CA VAL B 163 -22.38 -7.96 0.34
C VAL B 163 -20.91 -7.86 0.00
N ILE B 164 -20.50 -8.53 -1.08
CA ILE B 164 -19.11 -8.48 -1.49
C ILE B 164 -19.09 -7.86 -2.86
N LYS B 165 -18.30 -6.79 -3.01
CA LYS B 165 -18.24 -6.07 -4.28
C LYS B 165 -16.80 -5.84 -4.70
N TYR B 166 -16.52 -6.08 -5.97
CA TYR B 166 -15.18 -5.89 -6.50
C TYR B 166 -15.24 -4.99 -7.72
N ASP B 167 -14.48 -3.92 -7.69
CA ASP B 167 -14.45 -2.95 -8.77
C ASP B 167 -13.09 -3.02 -9.47
N ALA B 168 -13.07 -3.52 -10.72
CA ALA B 168 -11.84 -3.69 -11.46
C ALA B 168 -11.04 -2.43 -11.69
N SER B 169 -11.75 -1.33 -11.93
CA SER B 169 -11.08 -0.07 -12.20
C SER B 169 -10.20 0.40 -11.05
N THR B 170 -10.63 0.14 -9.82
CA THR B 170 -9.85 0.56 -8.65
C THR B 170 -9.15 -0.60 -7.95
N LYS B 171 -9.55 -1.83 -8.29
CA LYS B 171 -9.01 -3.05 -7.68
C LYS B 171 -9.43 -3.13 -6.20
N ILE B 172 -10.49 -2.44 -5.85
CA ILE B 172 -10.98 -2.46 -4.49
C ILE B 172 -11.98 -3.60 -4.25
N LEU B 173 -11.72 -4.40 -3.23
CA LEU B 173 -12.63 -5.46 -2.86
C LEU B 173 -13.23 -4.98 -1.54
N HIS B 174 -14.52 -4.69 -1.52
CA HIS B 174 -15.13 -4.26 -0.28
C HIS B 174 -16.27 -5.19 0.13
N VAL B 175 -16.27 -5.57 1.40
CA VAL B 175 -17.29 -6.44 1.92
C VAL B 175 -18.04 -5.76 3.05
N VAL B 176 -19.33 -6.04 3.15
CA VAL B 176 -20.18 -5.47 4.17
C VAL B 176 -20.89 -6.61 4.85
N LEU B 177 -20.95 -6.57 6.18
CA LEU B 177 -21.63 -7.58 6.98
C LEU B 177 -22.67 -6.88 7.84
N VAL B 178 -23.92 -7.34 7.75
CA VAL B 178 -24.99 -6.74 8.53
C VAL B 178 -25.81 -7.80 9.24
N PHE B 179 -26.13 -7.54 10.50
CA PHE B 179 -26.98 -8.43 11.28
C PHE B 179 -28.26 -7.61 11.52
N PRO B 180 -29.25 -7.78 10.65
CA PRO B 180 -30.52 -7.06 10.76
C PRO B 180 -31.20 -7.09 12.14
N SER B 181 -31.20 -8.22 12.83
CA SER B 181 -31.82 -8.25 14.14
C SER B 181 -31.14 -7.36 15.17
N LEU B 182 -29.86 -7.06 14.98
CA LEU B 182 -29.13 -6.22 15.90
C LEU B 182 -28.88 -4.84 15.31
N GLY B 183 -29.03 -4.73 13.99
CA GLY B 183 -28.81 -3.46 13.31
C GLY B 183 -27.35 -3.07 13.24
N THR B 184 -26.46 -4.02 13.46
CA THR B 184 -25.03 -3.77 13.43
C THR B 184 -24.50 -3.85 12.00
N ILE B 185 -23.47 -3.05 11.72
CA ILE B 185 -22.87 -3.00 10.39
C ILE B 185 -21.36 -3.04 10.48
N TYR B 186 -20.75 -3.95 9.73
CA TYR B 186 -19.32 -4.08 9.72
C TYR B 186 -18.83 -3.96 8.29
N THR B 187 -17.75 -3.22 8.09
CA THR B 187 -17.24 -3.03 6.77
C THR B 187 -15.72 -3.18 6.70
N ILE B 188 -15.25 -3.77 5.61
CA ILE B 188 -13.81 -3.95 5.42
C ILE B 188 -13.50 -3.96 3.94
N ALA B 189 -12.36 -3.40 3.58
CA ALA B 189 -11.98 -3.33 2.18
C ALA B 189 -10.48 -3.43 2.03
N ASP B 190 -10.03 -3.77 0.84
CA ASP B 190 -8.60 -3.87 0.56
C ASP B 190 -8.39 -3.94 -0.93
N ILE B 191 -7.16 -3.70 -1.37
CA ILE B 191 -6.84 -3.76 -2.78
C ILE B 191 -6.31 -5.15 -3.16
N VAL B 192 -6.90 -5.72 -4.20
CA VAL B 192 -6.52 -7.04 -4.67
C VAL B 192 -6.52 -7.06 -6.18
N ASP B 193 -5.43 -7.51 -6.78
CA ASP B 193 -5.33 -7.59 -8.23
C ASP B 193 -5.59 -9.03 -8.67
N LEU B 194 -6.85 -9.33 -8.97
CA LEU B 194 -7.22 -10.68 -9.39
C LEU B 194 -6.39 -11.26 -10.52
N LYS B 195 -6.14 -10.44 -11.53
CA LYS B 195 -5.38 -10.81 -12.70
C LYS B 195 -3.99 -11.31 -12.32
N GLN B 196 -3.49 -10.79 -11.21
CA GLN B 196 -2.16 -11.12 -10.73
C GLN B 196 -2.09 -12.40 -9.90
N VAL B 197 -3.23 -12.85 -9.34
CA VAL B 197 -3.22 -14.04 -8.49
C VAL B 197 -4.01 -15.22 -9.00
N LEU B 198 -5.02 -14.98 -9.84
CA LEU B 198 -5.85 -16.07 -10.34
C LEU B 198 -5.82 -16.26 -11.86
N PRO B 199 -6.20 -17.46 -12.33
CA PRO B 199 -6.23 -17.78 -13.76
C PRO B 199 -7.46 -17.10 -14.39
N GLU B 200 -7.57 -17.12 -15.72
CA GLU B 200 -8.69 -16.48 -16.38
C GLU B 200 -10.06 -17.06 -15.98
N SER B 201 -10.13 -18.38 -15.80
CA SER B 201 -11.37 -19.01 -15.40
C SER B 201 -11.24 -19.53 -13.99
N VAL B 202 -12.31 -19.37 -13.21
CA VAL B 202 -12.30 -19.80 -11.81
C VAL B 202 -13.63 -20.36 -11.36
N ASN B 203 -13.65 -20.85 -10.12
CA ASN B 203 -14.86 -21.37 -9.49
C ASN B 203 -15.15 -20.44 -8.32
N VAL B 204 -16.42 -20.28 -7.99
CA VAL B 204 -16.77 -19.44 -6.87
C VAL B 204 -17.62 -20.28 -5.96
N GLY B 205 -17.52 -20.08 -4.64
CA GLY B 205 -18.32 -20.86 -3.73
C GLY B 205 -18.04 -20.61 -2.28
N PHE B 206 -18.47 -21.55 -1.44
CA PHE B 206 -18.25 -21.43 0.00
C PHE B 206 -17.55 -22.65 0.53
N SER B 207 -16.94 -22.51 1.69
CA SER B 207 -16.24 -23.61 2.34
C SER B 207 -16.25 -23.32 3.83
N ALA B 208 -16.43 -24.36 4.63
CA ALA B 208 -16.46 -24.17 6.09
C ALA B 208 -15.88 -25.40 6.76
N ALA B 209 -15.59 -25.29 8.05
CA ALA B 209 -15.04 -26.40 8.78
C ALA B 209 -15.26 -26.26 10.29
N THR B 210 -15.38 -27.39 10.97
CA THR B 210 -15.55 -27.40 12.42
C THR B 210 -14.24 -27.88 13.06
N GLY B 211 -14.20 -27.87 14.39
CA GLY B 211 -13.00 -28.26 15.12
C GLY B 211 -12.28 -29.49 14.62
N ASP B 212 -10.96 -29.39 14.49
CA ASP B 212 -10.17 -30.53 14.04
C ASP B 212 -9.93 -31.43 15.25
N PRO B 213 -9.96 -32.75 15.04
CA PRO B 213 -9.74 -33.68 16.16
C PRO B 213 -8.45 -33.43 16.95
N SER B 214 -7.42 -32.92 16.29
CA SER B 214 -6.15 -32.66 16.96
C SER B 214 -6.33 -31.76 18.18
N GLY B 215 -7.41 -30.99 18.20
CA GLY B 215 -7.67 -30.10 19.31
C GLY B 215 -8.27 -30.81 20.51
N LYS B 216 -8.67 -32.06 20.29
CA LYS B 216 -9.24 -32.92 21.33
C LYS B 216 -10.43 -32.31 22.04
N GLN B 217 -11.27 -31.61 21.28
CA GLN B 217 -12.46 -30.97 21.82
C GLN B 217 -13.66 -31.15 20.89
N ARG B 218 -14.64 -31.94 21.34
CA ARG B 218 -15.83 -32.20 20.54
C ARG B 218 -16.76 -31.00 20.53
N ASN B 219 -16.53 -30.07 21.45
CA ASN B 219 -17.33 -28.86 21.57
C ASN B 219 -16.87 -27.80 20.59
N ALA B 220 -15.71 -28.00 19.98
CA ALA B 220 -15.17 -27.03 19.01
C ALA B 220 -15.98 -27.14 17.73
N THR B 221 -17.21 -26.67 17.77
CA THR B 221 -18.05 -26.81 16.60
C THR B 221 -19.17 -25.77 16.56
N GLU B 222 -19.85 -25.71 15.44
CA GLU B 222 -20.96 -24.77 15.24
C GLU B 222 -21.52 -25.08 13.84
N THR B 223 -22.63 -24.43 13.50
CA THR B 223 -23.23 -24.64 12.18
C THR B 223 -22.71 -23.60 11.23
N HIS B 224 -22.77 -23.89 9.93
CA HIS B 224 -22.36 -22.96 8.89
C HIS B 224 -23.37 -23.08 7.76
N ASP B 225 -24.51 -22.43 7.93
CA ASP B 225 -25.56 -22.50 6.93
C ASP B 225 -25.65 -21.31 6.01
N ILE B 226 -25.92 -21.58 4.74
CA ILE B 226 -26.09 -20.53 3.75
C ILE B 226 -27.59 -20.53 3.38
N LEU B 227 -28.26 -19.41 3.59
CA LEU B 227 -29.69 -19.33 3.29
C LEU B 227 -30.02 -18.95 1.84
N SER B 228 -29.25 -18.04 1.25
CA SER B 228 -29.51 -17.63 -0.14
C SER B 228 -28.23 -17.09 -0.75
N TRP B 229 -28.18 -16.98 -2.08
CA TRP B 229 -26.96 -16.51 -2.73
C TRP B 229 -27.13 -16.06 -4.15
N SER B 230 -26.70 -14.85 -4.46
CA SER B 230 -26.79 -14.32 -5.81
C SER B 230 -25.40 -13.80 -6.21
N PHE B 231 -25.03 -13.99 -7.47
CA PHE B 231 -23.73 -13.58 -7.95
C PHE B 231 -23.92 -12.88 -9.26
N SER B 232 -23.05 -11.93 -9.56
CA SER B 232 -23.11 -11.20 -10.81
C SER B 232 -21.71 -10.74 -11.20
N ALA B 233 -21.39 -10.75 -12.50
CA ALA B 233 -20.07 -10.31 -12.97
C ALA B 233 -20.09 -9.78 -14.40
N SER B 234 -19.45 -8.61 -14.61
CA SER B 234 -19.34 -7.99 -15.95
C SER B 234 -17.91 -7.92 -16.44
N LEU B 235 -17.59 -8.66 -17.49
CA LEU B 235 -16.25 -8.66 -18.04
C LEU B 235 -16.37 -7.97 -19.39
N PRO B 236 -16.19 -6.64 -19.43
CA PRO B 236 -16.29 -5.93 -20.70
C PRO B 236 -15.31 -6.45 -21.76
N GLY B 237 -15.87 -6.92 -22.88
CA GLY B 237 -15.05 -7.47 -23.97
C GLY B 237 -14.49 -8.86 -23.65
N LYS C 1 7.74 -0.47 18.97
CA LYS C 1 8.83 -1.38 19.45
C LYS C 1 10.04 -1.29 18.52
N THR C 2 11.20 -1.14 19.12
CA THR C 2 12.42 -1.04 18.34
C THR C 2 13.57 -1.86 18.90
N ILE C 3 14.28 -2.52 18.01
CA ILE C 3 15.44 -3.32 18.39
C ILE C 3 16.58 -2.83 17.50
N SER C 4 17.76 -2.66 18.06
CA SER C 4 18.88 -2.24 17.26
C SER C 4 20.18 -2.52 17.96
N PHE C 5 21.05 -3.24 17.25
CA PHE C 5 22.35 -3.57 17.79
C PHE C 5 23.38 -3.14 16.77
N ASN C 6 24.61 -2.94 17.21
CA ASN C 6 25.67 -2.52 16.31
C ASN C 6 26.98 -3.23 16.61
N PHE C 7 27.77 -3.44 15.56
CA PHE C 7 29.08 -4.09 15.65
C PHE C 7 30.02 -3.32 14.74
N ASN C 8 30.99 -2.61 15.32
CA ASN C 8 31.97 -1.87 14.54
C ASN C 8 33.10 -2.80 14.18
N GLN C 9 33.37 -3.74 15.09
CA GLN C 9 34.40 -4.74 14.92
C GLN C 9 33.96 -5.94 15.74
N PHE C 10 34.32 -7.14 15.31
CA PHE C 10 33.93 -8.33 16.05
C PHE C 10 35.02 -8.75 17.03
N HIS C 11 34.62 -9.10 18.24
CA HIS C 11 35.54 -9.50 19.28
C HIS C 11 35.48 -10.99 19.51
N GLN C 12 36.52 -11.54 20.14
CA GLN C 12 36.59 -12.96 20.45
C GLN C 12 35.58 -13.22 21.56
N ASN C 13 35.02 -14.42 21.56
CA ASN C 13 34.02 -14.81 22.56
C ASN C 13 32.94 -13.73 22.76
N GLU C 14 32.36 -13.26 21.64
CA GLU C 14 31.30 -12.27 21.67
C GLU C 14 30.01 -12.92 22.19
N GLU C 15 29.37 -12.29 23.16
CA GLU C 15 28.16 -12.84 23.76
C GLU C 15 26.91 -12.74 22.90
N GLN C 16 26.85 -11.72 22.06
CA GLN C 16 25.66 -11.51 21.26
C GLN C 16 25.57 -12.28 19.97
N LEU C 17 26.62 -13.03 19.66
CA LEU C 17 26.65 -13.83 18.43
C LEU C 17 26.57 -15.31 18.73
N LYS C 18 25.99 -16.05 17.81
CA LYS C 18 25.87 -17.49 17.92
C LYS C 18 26.60 -17.99 16.68
N LEU C 19 27.81 -18.48 16.85
CA LEU C 19 28.57 -19.00 15.71
C LEU C 19 28.28 -20.47 15.49
N GLN C 20 28.17 -20.88 14.22
CA GLN C 20 27.87 -22.27 13.91
C GLN C 20 28.83 -22.83 12.86
N ARG C 21 29.13 -24.11 12.97
CA ARG C 21 30.06 -24.78 12.06
C ARG C 21 31.43 -24.10 11.98
N ASP C 22 31.95 -23.87 10.77
CA ASP C 22 33.27 -23.27 10.60
C ASP C 22 33.41 -21.79 10.94
N ALA C 23 32.31 -21.10 11.22
CA ALA C 23 32.41 -19.68 11.52
C ALA C 23 33.25 -19.37 12.77
N ARG C 24 34.15 -18.40 12.62
CA ARG C 24 34.99 -17.97 13.74
C ARG C 24 35.47 -16.54 13.59
N ILE C 25 35.77 -15.92 14.73
CA ILE C 25 36.23 -14.55 14.78
C ILE C 25 37.75 -14.48 14.88
N SER C 26 38.38 -13.86 13.89
CA SER C 26 39.85 -13.75 13.88
C SER C 26 40.37 -12.86 14.99
N SER C 27 41.69 -12.87 15.16
CA SER C 27 42.38 -12.07 16.18
C SER C 27 42.22 -10.58 15.89
N ASN C 28 42.29 -10.21 14.63
CA ASN C 28 42.16 -8.81 14.29
C ASN C 28 40.72 -8.31 14.08
N SER C 29 39.76 -9.00 14.73
CA SER C 29 38.35 -8.60 14.67
C SER C 29 37.42 -8.87 13.47
N VAL C 30 37.75 -9.81 12.60
CA VAL C 30 36.87 -10.05 11.48
C VAL C 30 36.13 -11.37 11.66
N LEU C 31 34.87 -11.40 11.22
CA LEU C 31 34.05 -12.59 11.35
C LEU C 31 34.25 -13.41 10.09
N GLU C 32 34.95 -14.53 10.21
CA GLU C 32 35.20 -15.39 9.05
C GLU C 32 34.17 -16.50 9.02
N LEU C 33 33.21 -16.38 8.13
CA LEU C 33 32.14 -17.35 8.01
C LEU C 33 32.68 -18.71 7.60
N THR C 34 33.58 -18.74 6.62
CA THR C 34 34.15 -20.00 6.19
C THR C 34 35.63 -20.12 6.55
N LYS C 35 36.05 -21.37 6.67
CA LYS C 35 37.40 -21.76 7.04
C LYS C 35 38.57 -21.17 6.23
N VAL C 36 39.57 -20.67 6.94
CA VAL C 36 40.78 -20.15 6.31
C VAL C 36 41.97 -20.56 7.18
N VAL C 37 42.83 -21.40 6.63
CA VAL C 37 44.00 -21.88 7.37
C VAL C 37 45.29 -21.30 6.84
N ASN C 38 46.04 -20.65 7.72
CA ASN C 38 47.31 -20.05 7.35
C ASN C 38 47.10 -19.11 6.19
N GLY C 39 46.09 -18.26 6.30
CA GLY C 39 45.80 -17.28 5.25
C GLY C 39 45.30 -17.86 3.95
N VAL C 40 44.92 -19.14 3.94
CA VAL C 40 44.42 -19.79 2.74
C VAL C 40 43.02 -20.36 2.95
N PRO C 41 42.05 -19.96 2.12
CA PRO C 41 40.68 -20.46 2.25
C PRO C 41 40.59 -21.92 1.77
N THR C 42 39.83 -22.74 2.48
CA THR C 42 39.68 -24.14 2.12
C THR C 42 38.31 -24.45 1.56
N TRP C 43 38.19 -25.60 0.90
CA TRP C 43 36.93 -26.04 0.32
C TRP C 43 36.19 -26.85 1.37
N ASN C 44 35.00 -27.32 1.04
CA ASN C 44 34.19 -28.11 1.96
C ASN C 44 33.93 -27.40 3.28
N SER C 45 33.78 -26.09 3.24
CA SER C 45 33.51 -25.32 4.46
C SER C 45 32.13 -24.65 4.45
N THR C 46 31.54 -24.57 5.64
CA THR C 46 30.24 -23.95 5.79
C THR C 46 30.16 -23.36 7.19
N GLY C 47 29.62 -22.15 7.31
CA GLY C 47 29.51 -21.54 8.62
C GLY C 47 28.45 -20.46 8.66
N ARG C 48 27.86 -20.25 9.83
CA ARG C 48 26.83 -19.25 10.00
C ARG C 48 27.07 -18.44 11.26
N ALA C 49 26.40 -17.30 11.35
CA ALA C 49 26.51 -16.39 12.49
C ALA C 49 25.15 -15.75 12.66
N LEU C 50 24.52 -16.00 13.80
CA LEU C 50 23.21 -15.45 14.10
C LEU C 50 23.29 -14.49 15.26
N TYR C 51 22.40 -13.49 15.27
CA TYR C 51 22.33 -12.58 16.41
C TYR C 51 21.72 -13.47 17.48
N ALA C 52 22.32 -13.49 18.65
CA ALA C 52 21.85 -14.35 19.74
C ALA C 52 20.37 -14.22 20.15
N LYS C 53 19.81 -13.02 20.12
CA LYS C 53 18.41 -12.86 20.51
C LYS C 53 17.51 -12.88 19.29
N PRO C 54 16.26 -13.36 19.46
CA PRO C 54 15.31 -13.41 18.36
C PRO C 54 14.65 -12.04 18.22
N VAL C 55 14.25 -11.70 17.00
CA VAL C 55 13.60 -10.42 16.76
C VAL C 55 12.19 -10.67 16.25
N GLN C 56 11.26 -9.78 16.61
CA GLN C 56 9.88 -9.91 16.17
C GLN C 56 9.65 -9.12 14.90
N VAL C 57 9.34 -9.80 13.80
CA VAL C 57 9.10 -9.12 12.54
C VAL C 57 7.64 -8.75 12.33
N TRP C 58 6.73 -9.43 13.02
CA TRP C 58 5.31 -9.10 12.94
C TRP C 58 4.52 -9.56 14.15
N ASP C 59 3.40 -8.90 14.40
CA ASP C 59 2.54 -9.18 15.54
C ASP C 59 1.17 -9.69 15.09
N SER C 60 0.84 -10.92 15.48
CA SER C 60 -0.45 -11.52 15.09
C SER C 60 -1.66 -10.86 15.73
N THR C 61 -1.45 -10.16 16.85
CA THR C 61 -2.56 -9.48 17.51
C THR C 61 -2.99 -8.23 16.77
N THR C 62 -2.03 -7.37 16.41
CA THR C 62 -2.36 -6.14 15.68
C THR C 62 -2.30 -6.34 14.16
N GLY C 63 -1.62 -7.41 13.73
CA GLY C 63 -1.50 -7.67 12.31
C GLY C 63 -0.39 -6.86 11.68
N ASN C 64 0.25 -6.02 12.48
CA ASN C 64 1.33 -5.17 12.01
C ASN C 64 2.64 -5.89 11.67
N VAL C 65 3.34 -5.38 10.66
CA VAL C 65 4.62 -5.95 10.26
C VAL C 65 5.70 -4.92 10.50
N ALA C 66 6.91 -5.39 10.79
CA ALA C 66 8.02 -4.49 11.05
C ALA C 66 8.73 -3.98 9.82
N SER C 67 9.39 -2.85 9.98
CA SER C 67 10.21 -2.27 8.93
C SER C 67 11.61 -2.40 9.53
N PHE C 68 12.62 -2.59 8.71
CA PHE C 68 13.96 -2.67 9.25
C PHE C 68 15.00 -2.23 8.26
N GLU C 69 16.20 -1.97 8.78
CA GLU C 69 17.32 -1.54 7.98
C GLU C 69 18.56 -2.17 8.60
N THR C 70 19.41 -2.72 7.75
CA THR C 70 20.64 -3.33 8.21
C THR C 70 21.77 -2.94 7.25
N ARG C 71 22.93 -2.63 7.80
CA ARG C 71 24.08 -2.26 7.01
C ARG C 71 25.24 -3.10 7.49
N PHE C 72 26.06 -3.58 6.54
CA PHE C 72 27.22 -4.35 6.89
C PHE C 72 28.27 -4.24 5.81
N SER C 73 29.49 -4.63 6.15
CA SER C 73 30.61 -4.61 5.21
C SER C 73 31.20 -6.01 5.17
N PHE C 74 31.53 -6.45 3.97
CA PHE C 74 32.11 -7.76 3.84
C PHE C 74 33.25 -7.71 2.86
N SER C 75 34.02 -8.78 2.81
CA SER C 75 35.12 -8.87 1.89
C SER C 75 35.26 -10.31 1.44
N ILE C 76 35.37 -10.49 0.13
CA ILE C 76 35.52 -11.82 -0.44
C ILE C 76 36.81 -11.81 -1.24
N ARG C 77 37.78 -12.60 -0.79
CA ARG C 77 39.05 -12.70 -1.50
C ARG C 77 39.08 -14.03 -2.25
N GLN C 78 39.30 -13.97 -3.56
CA GLN C 78 39.37 -15.15 -4.42
C GLN C 78 40.83 -15.34 -4.89
N PRO C 79 41.60 -16.15 -4.15
CA PRO C 79 43.00 -16.43 -4.46
C PRO C 79 43.17 -17.33 -5.68
N PHE C 80 42.17 -18.15 -5.96
CA PHE C 80 42.27 -19.08 -7.07
C PHE C 80 41.26 -18.76 -8.14
N PRO C 81 41.61 -17.86 -9.06
CA PRO C 81 40.72 -17.46 -10.15
C PRO C 81 40.18 -18.64 -10.95
N ARG C 82 41.06 -19.59 -11.28
CA ARG C 82 40.63 -20.76 -12.04
C ARG C 82 40.59 -21.97 -11.12
N PRO C 83 39.67 -22.92 -11.36
CA PRO C 83 38.68 -22.91 -12.45
C PRO C 83 37.43 -22.13 -12.10
N HIS C 84 37.13 -21.97 -10.82
CA HIS C 84 35.93 -21.24 -10.41
C HIS C 84 35.75 -21.14 -8.90
N PRO C 85 35.73 -19.91 -8.37
CA PRO C 85 35.55 -19.66 -6.93
C PRO C 85 34.12 -20.02 -6.48
N ALA C 86 33.94 -20.34 -5.20
CA ALA C 86 32.63 -20.70 -4.68
C ALA C 86 32.61 -20.59 -3.17
N ASP C 87 31.43 -20.47 -2.56
CA ASP C 87 30.14 -20.41 -3.27
C ASP C 87 29.48 -19.04 -3.12
N GLY C 88 29.72 -18.40 -1.97
CA GLY C 88 29.16 -17.08 -1.74
C GLY C 88 28.67 -16.95 -0.33
N LEU C 89 28.10 -15.80 0.00
CA LEU C 89 27.59 -15.56 1.34
C LEU C 89 26.21 -14.94 1.24
N VAL C 90 25.45 -15.05 2.32
CA VAL C 90 24.11 -14.49 2.34
C VAL C 90 23.76 -13.88 3.68
N PHE C 91 22.76 -12.99 3.68
CA PHE C 91 22.25 -12.42 4.91
C PHE C 91 20.88 -13.06 4.88
N PHE C 92 20.45 -13.64 5.98
CA PHE C 92 19.14 -14.28 5.96
C PHE C 92 18.32 -14.07 7.20
N ILE C 93 17.05 -14.41 7.09
CA ILE C 93 16.11 -14.30 8.20
C ILE C 93 15.39 -15.66 8.21
N ALA C 94 15.38 -16.30 9.36
CA ALA C 94 14.77 -17.61 9.48
C ALA C 94 14.15 -17.82 10.86
N PRO C 95 13.35 -18.89 11.02
CA PRO C 95 12.74 -19.14 12.33
C PRO C 95 13.88 -19.37 13.31
N PRO C 96 13.64 -19.14 14.60
CA PRO C 96 14.74 -19.35 15.55
C PRO C 96 15.11 -20.82 15.76
N ASN C 97 16.34 -21.05 16.20
CA ASN C 97 16.83 -22.39 16.48
C ASN C 97 16.93 -23.34 15.30
N THR C 98 17.37 -22.85 14.14
CA THR C 98 17.52 -23.75 12.99
C THR C 98 18.96 -24.25 13.02
N GLN C 99 19.25 -25.25 12.20
CA GLN C 99 20.60 -25.79 12.12
C GLN C 99 21.16 -25.53 10.73
N THR C 100 22.47 -25.49 10.62
CA THR C 100 23.09 -25.22 9.35
C THR C 100 22.60 -26.21 8.31
N GLY C 101 22.21 -25.71 7.15
CA GLY C 101 21.74 -26.58 6.10
C GLY C 101 22.90 -27.09 5.26
N GLU C 102 22.59 -27.50 4.04
CA GLU C 102 23.58 -28.01 3.11
C GLU C 102 24.54 -26.87 2.68
N GLY C 103 25.78 -27.21 2.36
CA GLY C 103 26.73 -26.19 1.96
C GLY C 103 26.67 -25.95 0.47
N GLY C 104 27.81 -25.67 -0.14
CA GLY C 104 27.85 -25.45 -1.56
C GLY C 104 26.91 -24.33 -1.98
N GLY C 105 26.21 -24.54 -3.10
CA GLY C 105 25.30 -23.54 -3.62
C GLY C 105 24.09 -23.30 -2.75
N TYR C 106 23.99 -24.01 -1.62
CA TYR C 106 22.86 -23.82 -0.73
C TYR C 106 23.21 -22.87 0.40
N PHE C 107 24.45 -22.37 0.37
CA PHE C 107 24.96 -21.41 1.34
C PHE C 107 24.83 -21.80 2.82
N GLY C 108 24.33 -22.99 3.09
CA GLY C 108 24.17 -23.39 4.47
C GLY C 108 22.83 -22.99 5.07
N ILE C 109 21.89 -22.51 4.24
CA ILE C 109 20.58 -22.12 4.76
C ILE C 109 19.46 -23.06 4.29
N TYR C 110 19.71 -23.78 3.21
CA TYR C 110 18.70 -24.69 2.70
C TYR C 110 18.99 -26.15 3.09
N ASN C 111 17.96 -26.83 3.58
CA ASN C 111 18.07 -28.21 4.02
C ASN C 111 16.98 -29.05 3.34
N PRO C 112 17.34 -29.78 2.28
CA PRO C 112 16.38 -30.63 1.54
C PRO C 112 15.69 -31.66 2.43
N LEU C 113 16.42 -32.16 3.44
CA LEU C 113 15.90 -33.16 4.34
C LEU C 113 14.70 -32.69 5.15
N SER C 114 14.71 -31.41 5.51
CA SER C 114 13.65 -30.79 6.29
C SER C 114 13.75 -29.28 6.14
N PRO C 115 13.21 -28.75 5.03
CA PRO C 115 13.22 -27.31 4.73
C PRO C 115 12.49 -26.43 5.72
N TYR C 116 13.06 -25.27 6.01
CA TYR C 116 12.43 -24.30 6.88
C TYR C 116 12.38 -23.00 6.08
N PRO C 117 11.35 -22.17 6.31
CA PRO C 117 11.21 -20.90 5.59
C PRO C 117 12.33 -19.93 5.86
N PHE C 118 12.60 -19.05 4.90
CA PHE C 118 13.64 -18.06 5.07
C PHE C 118 13.60 -17.01 3.96
N VAL C 119 14.10 -15.82 4.27
CA VAL C 119 14.22 -14.73 3.30
C VAL C 119 15.71 -14.40 3.37
N ALA C 120 16.36 -14.33 2.22
CA ALA C 120 17.77 -14.07 2.24
C ALA C 120 18.24 -13.25 1.05
N VAL C 121 19.33 -12.49 1.25
CA VAL C 121 19.90 -11.71 0.17
C VAL C 121 21.25 -12.37 -0.07
N GLU C 122 21.43 -12.91 -1.28
CA GLU C 122 22.67 -13.60 -1.58
C GLU C 122 23.67 -12.83 -2.44
N PHE C 123 24.93 -13.17 -2.25
CA PHE C 123 26.02 -12.59 -3.02
C PHE C 123 26.67 -13.87 -3.51
N ASP C 124 26.10 -14.33 -4.62
CA ASP C 124 26.47 -15.58 -5.28
C ASP C 124 27.67 -15.48 -6.20
N THR C 125 28.66 -16.34 -5.99
CA THR C 125 29.88 -16.31 -6.79
C THR C 125 30.10 -17.52 -7.73
N PHE C 126 29.34 -18.58 -7.52
CA PHE C 126 29.47 -19.79 -8.34
C PHE C 126 28.17 -19.99 -9.09
N ARG C 127 28.25 -20.36 -10.36
CA ARG C 127 27.03 -20.56 -11.14
C ARG C 127 26.51 -21.99 -11.15
N ASN C 128 25.45 -22.24 -10.40
CA ASN C 128 24.83 -23.55 -10.36
C ASN C 128 23.88 -23.67 -11.56
N THR C 129 23.28 -24.84 -11.76
CA THR C 129 22.38 -25.06 -12.89
C THR C 129 21.22 -24.08 -12.88
N TRP C 130 20.82 -23.66 -11.68
CA TRP C 130 19.71 -22.73 -11.53
C TRP C 130 20.09 -21.25 -11.54
N ASP C 131 21.36 -20.94 -11.76
CA ASP C 131 21.80 -19.56 -11.73
C ASP C 131 22.10 -18.86 -13.03
N PRO C 132 22.03 -17.52 -13.00
CA PRO C 132 22.32 -16.68 -14.15
C PRO C 132 23.82 -16.39 -13.98
N GLN C 133 24.39 -15.63 -14.88
CA GLN C 133 25.82 -15.29 -14.81
C GLN C 133 26.19 -14.80 -13.40
N ILE C 134 27.39 -15.14 -12.93
CA ILE C 134 27.85 -14.69 -11.63
C ILE C 134 29.03 -13.73 -11.79
N PRO C 135 29.33 -12.94 -10.76
CA PRO C 135 28.63 -12.90 -9.46
C PRO C 135 27.31 -12.14 -9.64
N HIS C 136 26.38 -12.31 -8.70
CA HIS C 136 25.13 -11.58 -8.77
C HIS C 136 24.51 -11.46 -7.40
N ILE C 137 23.67 -10.44 -7.23
CA ILE C 137 22.96 -10.24 -5.98
C ILE C 137 21.62 -10.94 -6.28
N GLY C 138 21.05 -11.58 -5.29
CA GLY C 138 19.78 -12.22 -5.52
C GLY C 138 18.92 -12.14 -4.29
N ILE C 139 17.61 -12.11 -4.49
CA ILE C 139 16.68 -12.09 -3.37
C ILE C 139 16.04 -13.47 -3.35
N ASP C 140 16.20 -14.17 -2.22
CA ASP C 140 15.70 -15.52 -2.07
C ASP C 140 14.58 -15.66 -1.06
N VAL C 141 13.50 -16.34 -1.45
CA VAL C 141 12.40 -16.56 -0.53
C VAL C 141 12.15 -18.06 -0.53
N ASN C 142 12.48 -18.72 0.57
CA ASN C 142 12.30 -20.16 0.73
C ASN C 142 13.06 -21.01 -0.28
N SER C 143 13.96 -20.40 -1.04
CA SER C 143 14.73 -21.15 -2.02
C SER C 143 15.90 -20.34 -2.55
N VAL C 144 16.91 -21.03 -3.08
CA VAL C 144 18.07 -20.35 -3.62
C VAL C 144 17.85 -20.01 -5.10
N ILE C 145 16.63 -20.25 -5.58
CA ILE C 145 16.30 -19.89 -6.97
C ILE C 145 15.68 -18.53 -6.80
N SER C 146 16.53 -17.50 -6.84
CA SER C 146 16.12 -16.12 -6.63
C SER C 146 14.91 -15.62 -7.42
N THR C 147 14.13 -14.74 -6.80
CA THR C 147 12.97 -14.15 -7.44
C THR C 147 13.49 -13.06 -8.35
N LYS C 148 14.50 -12.35 -7.90
CA LYS C 148 15.10 -11.26 -8.67
C LYS C 148 16.61 -11.39 -8.56
N THR C 149 17.31 -10.91 -9.60
CA THR C 149 18.78 -11.03 -9.66
C THR C 149 19.40 -9.86 -10.41
N VAL C 150 20.58 -9.44 -9.98
CA VAL C 150 21.29 -8.36 -10.67
C VAL C 150 22.78 -8.71 -10.61
N PRO C 151 23.48 -8.63 -11.75
CA PRO C 151 24.90 -8.97 -11.76
C PRO C 151 25.76 -7.85 -11.20
N PHE C 152 26.93 -8.21 -10.68
CA PHE C 152 27.86 -7.20 -10.18
C PHE C 152 29.27 -7.71 -10.39
N THR C 153 30.22 -6.78 -10.36
CA THR C 153 31.62 -7.13 -10.54
C THR C 153 32.32 -6.99 -9.20
N LEU C 154 32.86 -8.08 -8.71
CA LEU C 154 33.51 -8.09 -7.41
C LEU C 154 34.84 -7.33 -7.34
N ASP C 155 35.09 -6.70 -6.19
CA ASP C 155 36.36 -6.03 -5.98
C ASP C 155 37.11 -7.08 -5.18
N ASN C 156 37.88 -7.92 -5.87
CA ASN C 156 38.60 -9.00 -5.23
C ASN C 156 39.41 -8.57 -4.02
N GLY C 157 39.02 -9.07 -2.85
CA GLY C 157 39.73 -8.71 -1.63
C GLY C 157 39.42 -7.32 -1.14
N GLY C 158 38.61 -6.58 -1.90
CA GLY C 158 38.25 -5.23 -1.50
C GLY C 158 37.12 -5.21 -0.48
N ILE C 159 36.74 -4.01 -0.04
CA ILE C 159 35.66 -3.87 0.93
C ILE C 159 34.37 -3.54 0.20
N ALA C 160 33.27 -4.10 0.68
CA ALA C 160 31.97 -3.85 0.06
C ALA C 160 31.00 -3.37 1.14
N ASN C 161 30.25 -2.33 0.81
CA ASN C 161 29.27 -1.80 1.75
C ASN C 161 27.90 -2.20 1.26
N VAL C 162 27.10 -2.73 2.16
CA VAL C 162 25.76 -3.18 1.82
C VAL C 162 24.70 -2.52 2.69
N VAL C 163 23.60 -2.13 2.06
CA VAL C 163 22.50 -1.56 2.80
C VAL C 163 21.24 -2.33 2.42
N ILE C 164 20.58 -2.91 3.41
CA ILE C 164 19.35 -3.63 3.12
C ILE C 164 18.23 -2.96 3.92
N LYS C 165 17.20 -2.55 3.20
CA LYS C 165 16.10 -1.84 3.84
C LYS C 165 14.78 -2.46 3.47
N TYR C 166 13.90 -2.60 4.47
CA TYR C 166 12.58 -3.18 4.23
C TYR C 166 11.52 -2.25 4.78
N ASP C 167 10.59 -1.86 3.93
CA ASP C 167 9.52 -0.98 4.36
C ASP C 167 8.18 -1.74 4.35
N ALA C 168 7.63 -1.96 5.53
CA ALA C 168 6.39 -2.72 5.66
C ALA C 168 5.19 -2.15 4.93
N SER C 169 5.07 -0.83 4.89
CA SER C 169 3.92 -0.22 4.24
C SER C 169 3.85 -0.55 2.77
N THR C 170 5.01 -0.70 2.13
CA THR C 170 5.02 -1.01 0.69
C THR C 170 5.43 -2.45 0.42
N LYS C 171 6.01 -3.10 1.42
CA LYS C 171 6.49 -4.47 1.31
C LYS C 171 7.69 -4.56 0.36
N ILE C 172 8.37 -3.44 0.20
CA ILE C 172 9.52 -3.41 -0.67
C ILE C 172 10.82 -3.70 0.08
N LEU C 173 11.58 -4.64 -0.44
CA LEU C 173 12.86 -5.01 0.13
C LEU C 173 13.87 -4.46 -0.87
N HIS C 174 14.68 -3.48 -0.46
CA HIS C 174 15.66 -2.96 -1.39
C HIS C 174 17.05 -3.06 -0.82
N VAL C 175 17.98 -3.54 -1.65
CA VAL C 175 19.35 -3.69 -1.21
C VAL C 175 20.25 -2.89 -2.12
N VAL C 176 21.32 -2.34 -1.52
CA VAL C 176 22.29 -1.57 -2.25
C VAL C 176 23.66 -2.16 -1.95
N LEU C 177 24.48 -2.28 -2.99
CA LEU C 177 25.84 -2.81 -2.87
C LEU C 177 26.79 -1.75 -3.43
N VAL C 178 27.78 -1.37 -2.63
CA VAL C 178 28.75 -0.36 -3.06
C VAL C 178 30.20 -0.80 -2.78
N PHE C 179 31.06 -0.62 -3.76
CA PHE C 179 32.48 -0.94 -3.63
C PHE C 179 33.18 0.41 -3.67
N PRO C 180 33.38 1.02 -2.49
CA PRO C 180 34.04 2.34 -2.43
C PRO C 180 35.34 2.49 -3.22
N SER C 181 36.21 1.49 -3.22
CA SER C 181 37.44 1.65 -3.97
C SER C 181 37.23 1.78 -5.46
N LEU C 182 36.11 1.26 -5.97
CA LEU C 182 35.85 1.33 -7.40
C LEU C 182 34.76 2.35 -7.70
N GLY C 183 34.05 2.77 -6.66
CA GLY C 183 32.97 3.73 -6.83
C GLY C 183 31.76 3.15 -7.55
N THR C 184 31.68 1.83 -7.66
CA THR C 184 30.54 1.20 -8.32
C THR C 184 29.34 1.02 -7.38
N ILE C 185 28.14 1.08 -7.94
CA ILE C 185 26.92 0.98 -7.17
C ILE C 185 25.95 0.03 -7.84
N TYR C 186 25.43 -0.92 -7.07
CA TYR C 186 24.49 -1.90 -7.59
C TYR C 186 23.24 -1.87 -6.73
N THR C 187 22.09 -1.91 -7.38
CA THR C 187 20.84 -1.85 -6.66
C THR C 187 19.84 -2.88 -7.14
N ILE C 188 19.10 -3.47 -6.20
CA ILE C 188 18.08 -4.45 -6.53
C ILE C 188 16.97 -4.38 -5.51
N ALA C 189 15.73 -4.55 -5.96
CA ALA C 189 14.59 -4.49 -5.05
C ALA C 189 13.51 -5.45 -5.47
N ASP C 190 12.62 -5.79 -4.54
CA ASP C 190 11.52 -6.68 -4.87
C ASP C 190 10.49 -6.63 -3.77
N ILE C 191 9.31 -7.18 -4.04
CA ILE C 191 8.22 -7.18 -3.09
C ILE C 191 8.19 -8.49 -2.34
N VAL C 192 8.18 -8.42 -1.02
CA VAL C 192 8.19 -9.59 -0.18
C VAL C 192 7.29 -9.38 1.02
N ASP C 193 6.37 -10.31 1.25
CA ASP C 193 5.48 -10.16 2.40
C ASP C 193 5.97 -11.07 3.52
N LEU C 194 6.75 -10.49 4.42
CA LEU C 194 7.30 -11.25 5.53
C LEU C 194 6.27 -12.02 6.33
N LYS C 195 5.17 -11.35 6.63
CA LYS C 195 4.07 -11.92 7.41
C LYS C 195 3.55 -13.20 6.79
N GLN C 196 3.68 -13.27 5.48
CA GLN C 196 3.21 -14.41 4.71
C GLN C 196 4.18 -15.58 4.64
N VAL C 197 5.47 -15.35 4.90
CA VAL C 197 6.45 -16.43 4.81
C VAL C 197 7.16 -16.80 6.09
N LEU C 198 7.25 -15.88 7.04
CA LEU C 198 7.95 -16.16 8.29
C LEU C 198 7.09 -16.07 9.53
N PRO C 199 7.54 -16.71 10.63
CA PRO C 199 6.80 -16.66 11.89
C PRO C 199 7.03 -15.32 12.57
N GLU C 200 6.28 -15.04 13.64
CA GLU C 200 6.40 -13.78 14.35
C GLU C 200 7.81 -13.46 14.85
N SER C 201 8.51 -14.47 15.35
CA SER C 201 9.87 -14.26 15.83
C SER C 201 10.85 -14.99 14.94
N VAL C 202 11.98 -14.34 14.66
CA VAL C 202 12.99 -14.94 13.80
C VAL C 202 14.41 -14.64 14.27
N ASN C 203 15.37 -15.22 13.56
CA ASN C 203 16.78 -14.95 13.82
C ASN C 203 17.32 -14.28 12.58
N VAL C 204 18.31 -13.42 12.76
CA VAL C 204 18.91 -12.74 11.63
C VAL C 204 20.40 -13.02 11.67
N GLY C 205 21.03 -13.15 10.51
CA GLY C 205 22.46 -13.42 10.48
C GLY C 205 23.04 -13.64 9.10
N PHE C 206 24.20 -14.28 9.07
CA PHE C 206 24.88 -14.53 7.82
C PHE C 206 25.23 -16.01 7.71
N SER C 207 25.49 -16.44 6.49
CA SER C 207 25.84 -17.83 6.24
C SER C 207 26.61 -17.84 4.92
N ALA C 208 27.62 -18.68 4.84
CA ALA C 208 28.44 -18.76 3.65
C ALA C 208 28.94 -20.19 3.46
N ALA C 209 29.49 -20.49 2.30
CA ALA C 209 30.01 -21.81 2.03
C ALA C 209 30.99 -21.81 0.89
N THR C 210 31.93 -22.75 0.92
CA THR C 210 32.92 -22.86 -0.13
C THR C 210 32.61 -24.13 -0.92
N GLY C 211 33.38 -24.36 -1.99
CA GLY C 211 33.17 -25.50 -2.85
C GLY C 211 32.87 -26.81 -2.15
N ASP C 212 31.86 -27.52 -2.64
CA ASP C 212 31.46 -28.82 -2.10
C ASP C 212 32.38 -29.86 -2.72
N PRO C 213 32.81 -30.85 -1.92
CA PRO C 213 33.70 -31.93 -2.40
C PRO C 213 33.24 -32.59 -3.68
N SER C 214 31.92 -32.74 -3.83
CA SER C 214 31.35 -33.38 -5.00
C SER C 214 31.85 -32.75 -6.31
N GLY C 215 32.29 -31.49 -6.24
CA GLY C 215 32.79 -30.82 -7.44
C GLY C 215 34.21 -31.23 -7.80
N LYS C 216 34.85 -31.94 -6.88
CA LYS C 216 36.23 -32.43 -7.08
C LYS C 216 37.24 -31.32 -7.40
N GLN C 217 37.06 -30.15 -6.79
CA GLN C 217 37.95 -29.02 -7.01
C GLN C 217 38.27 -28.31 -5.71
N ARG C 218 39.52 -28.40 -5.28
CA ARG C 218 39.95 -27.76 -4.05
C ARG C 218 40.11 -26.25 -4.24
N ASN C 219 40.20 -25.83 -5.49
CA ASN C 219 40.33 -24.41 -5.80
C ASN C 219 38.96 -23.70 -5.77
N ALA C 220 37.88 -24.47 -5.66
CA ALA C 220 36.56 -23.89 -5.62
C ALA C 220 36.34 -23.29 -4.23
N THR C 221 37.04 -22.19 -3.94
CA THR C 221 36.92 -21.58 -2.63
C THR C 221 37.28 -20.11 -2.65
N GLU C 222 37.05 -19.44 -1.52
CA GLU C 222 37.31 -18.01 -1.36
C GLU C 222 37.00 -17.69 0.09
N THR C 223 37.28 -16.44 0.49
CA THR C 223 36.98 -16.02 1.86
C THR C 223 35.59 -15.37 1.92
N HIS C 224 34.99 -15.36 3.09
CA HIS C 224 33.69 -14.73 3.29
C HIS C 224 33.78 -14.03 4.64
N ASP C 225 34.41 -12.85 4.66
CA ASP C 225 34.56 -12.10 5.90
C ASP C 225 33.58 -10.95 6.09
N ILE C 226 33.08 -10.82 7.33
CA ILE C 226 32.17 -9.73 7.66
C ILE C 226 32.97 -8.78 8.56
N LEU C 227 33.11 -7.53 8.16
CA LEU C 227 33.89 -6.56 8.93
C LEU C 227 33.09 -5.81 10.00
N SER C 228 31.84 -5.46 9.70
CA SER C 228 31.01 -4.73 10.66
C SER C 228 29.53 -5.00 10.36
N TRP C 229 28.66 -4.72 11.32
CA TRP C 229 27.24 -5.02 11.13
C TRP C 229 26.32 -4.32 12.11
N SER C 230 25.35 -3.57 11.59
CA SER C 230 24.38 -2.87 12.42
C SER C 230 22.98 -3.24 11.93
N PHE C 231 22.05 -3.33 12.85
CA PHE C 231 20.69 -3.71 12.51
C PHE C 231 19.74 -2.87 13.35
N SER C 232 18.59 -2.52 12.77
CA SER C 232 17.57 -1.75 13.48
C SER C 232 16.20 -2.20 12.97
N ALA C 233 15.20 -2.19 13.83
CA ALA C 233 13.86 -2.61 13.42
C ALA C 233 12.74 -2.00 14.27
N SER C 234 11.67 -1.55 13.61
CA SER C 234 10.54 -0.96 14.29
C SER C 234 9.26 -1.70 13.99
N LEU C 235 8.61 -2.14 15.07
CA LEU C 235 7.33 -2.85 15.00
C LEU C 235 6.35 -1.94 15.78
N PRO C 236 5.55 -1.14 15.05
CA PRO C 236 4.57 -0.22 15.63
C PRO C 236 3.43 -0.89 16.42
N GLY C 237 3.05 -0.29 17.54
CA GLY C 237 1.99 -0.82 18.37
C GLY C 237 2.39 -2.08 19.11
N LYS D 1 11.92 -1.52 -28.51
CA LYS D 1 12.94 -0.45 -28.62
C LYS D 1 13.83 -0.40 -27.37
N THR D 2 14.88 0.41 -27.44
CA THR D 2 15.82 0.58 -26.34
C THR D 2 16.66 1.83 -26.53
N ILE D 3 16.10 2.96 -26.10
CA ILE D 3 16.80 4.23 -26.21
C ILE D 3 17.78 4.37 -25.03
N SER D 4 18.91 5.03 -25.26
CA SER D 4 19.89 5.22 -24.20
C SER D 4 20.92 6.24 -24.63
N PHE D 5 21.27 7.15 -23.72
CA PHE D 5 22.25 8.18 -24.01
C PHE D 5 23.16 8.40 -22.83
N ASN D 6 24.20 9.20 -23.03
CA ASN D 6 25.17 9.46 -21.97
C ASN D 6 25.80 10.84 -22.10
N PHE D 7 26.26 11.39 -20.98
CA PHE D 7 26.88 12.71 -20.93
C PHE D 7 27.98 12.64 -19.87
N ASN D 8 29.22 12.35 -20.28
CA ASN D 8 30.32 12.30 -19.32
C ASN D 8 30.47 13.68 -18.74
N GLN D 9 30.16 14.68 -19.56
CA GLN D 9 30.22 16.07 -19.15
C GLN D 9 29.40 16.85 -20.16
N PHE D 10 29.11 18.11 -19.86
CA PHE D 10 28.29 18.92 -20.76
C PHE D 10 29.10 19.95 -21.53
N HIS D 11 28.69 20.19 -22.77
CA HIS D 11 29.39 21.15 -23.61
C HIS D 11 28.42 22.22 -24.10
N GLN D 12 28.88 23.47 -24.04
CA GLN D 12 28.08 24.60 -24.50
C GLN D 12 27.76 24.28 -25.95
N ASN D 13 26.48 24.40 -26.31
CA ASN D 13 26.04 24.09 -27.66
C ASN D 13 25.88 22.59 -27.80
N GLU D 14 25.07 22.01 -26.92
CA GLU D 14 24.78 20.59 -26.94
C GLU D 14 23.39 20.51 -27.59
N GLU D 15 23.33 19.87 -28.76
CA GLU D 15 22.07 19.74 -29.49
C GLU D 15 21.09 18.74 -28.88
N GLN D 16 21.59 17.91 -27.97
CA GLN D 16 20.73 16.91 -27.35
C GLN D 16 19.96 17.41 -26.14
N LEU D 17 20.29 18.62 -25.69
CA LEU D 17 19.62 19.18 -24.53
C LEU D 17 18.77 20.36 -24.90
N LYS D 18 17.72 20.57 -24.12
CA LYS D 18 16.80 21.67 -24.33
C LYS D 18 16.87 22.43 -23.01
N LEU D 19 17.55 23.56 -22.98
CA LEU D 19 17.64 24.32 -21.75
C LEU D 19 16.53 25.33 -21.68
N GLN D 20 15.99 25.53 -20.48
CA GLN D 20 14.90 26.50 -20.27
C GLN D 20 15.19 27.44 -19.13
N ARG D 21 14.67 28.67 -19.24
CA ARG D 21 14.86 29.69 -18.22
C ARG D 21 16.33 29.95 -17.92
N ASP D 22 16.70 30.02 -16.64
CA ASP D 22 18.07 30.29 -16.23
C ASP D 22 19.11 29.20 -16.45
N ALA D 23 18.68 28.02 -16.90
CA ALA D 23 19.64 26.92 -17.11
C ALA D 23 20.70 27.27 -18.15
N ARG D 24 21.97 27.02 -17.81
CA ARG D 24 23.08 27.28 -18.72
C ARG D 24 24.26 26.34 -18.46
N ILE D 25 25.04 26.09 -19.51
CA ILE D 25 26.22 25.23 -19.42
C ILE D 25 27.47 26.08 -19.29
N SER D 26 28.21 25.91 -18.20
CA SER D 26 29.42 26.68 -17.93
C SER D 26 30.51 26.35 -18.90
N SER D 27 31.57 27.16 -18.87
CA SER D 27 32.72 26.95 -19.76
C SER D 27 33.49 25.68 -19.39
N ASN D 28 33.51 25.33 -18.11
CA ASN D 28 34.22 24.13 -17.70
C ASN D 28 33.35 22.86 -17.76
N SER D 29 32.30 22.90 -18.57
CA SER D 29 31.42 21.73 -18.80
C SER D 29 30.35 21.27 -17.78
N VAL D 30 30.01 22.09 -16.79
CA VAL D 30 28.97 21.67 -15.83
C VAL D 30 27.63 22.33 -16.20
N LEU D 31 26.54 21.60 -15.97
CA LEU D 31 25.20 22.09 -16.27
C LEU D 31 24.67 22.80 -15.03
N GLU D 32 24.61 24.13 -15.08
CA GLU D 32 24.13 24.91 -13.96
C GLU D 32 22.66 25.23 -14.17
N LEU D 33 21.81 24.51 -13.44
CA LEU D 33 20.37 24.66 -13.55
C LEU D 33 19.93 26.04 -13.13
N THR D 34 20.49 26.53 -12.03
CA THR D 34 20.13 27.85 -11.54
C THR D 34 21.27 28.85 -11.66
N LYS D 35 20.90 30.12 -11.75
CA LYS D 35 21.86 31.22 -11.94
C LYS D 35 22.97 31.39 -10.92
N VAL D 36 24.17 31.61 -11.43
CA VAL D 36 25.37 31.82 -10.61
C VAL D 36 26.16 32.96 -11.26
N VAL D 37 26.26 34.11 -10.59
CA VAL D 37 27.01 35.25 -11.14
C VAL D 37 28.32 35.48 -10.39
N ASN D 38 29.43 35.45 -11.12
CA ASN D 38 30.75 35.65 -10.52
C ASN D 38 30.94 34.69 -9.36
N GLY D 39 30.63 33.42 -9.61
CA GLY D 39 30.78 32.40 -8.58
C GLY D 39 29.83 32.50 -7.40
N VAL D 40 28.80 33.32 -7.51
CA VAL D 40 27.84 33.49 -6.43
C VAL D 40 26.42 33.14 -6.91
N PRO D 41 25.75 32.18 -6.24
CA PRO D 41 24.39 31.81 -6.63
C PRO D 41 23.40 32.90 -6.24
N THR D 42 22.42 33.17 -7.09
CA THR D 42 21.42 34.20 -6.79
C THR D 42 20.05 33.63 -6.51
N TRP D 43 19.20 34.45 -5.93
CA TRP D 43 17.85 34.03 -5.61
C TRP D 43 16.95 34.30 -6.82
N ASN D 44 15.68 33.95 -6.71
CA ASN D 44 14.71 34.17 -7.78
C ASN D 44 15.15 33.54 -9.10
N SER D 45 15.80 32.39 -9.02
CA SER D 45 16.26 31.70 -10.21
C SER D 45 15.56 30.34 -10.41
N THR D 46 15.29 30.00 -11.66
CA THR D 46 14.63 28.74 -12.01
C THR D 46 15.15 28.30 -13.37
N GLY D 47 15.45 27.01 -13.52
CA GLY D 47 15.96 26.52 -14.78
C GLY D 47 15.73 25.02 -14.95
N ARG D 48 15.59 24.58 -16.19
CA ARG D 48 15.36 23.18 -16.49
C ARG D 48 16.24 22.74 -17.64
N ALA D 49 16.40 21.43 -17.78
CA ALA D 49 17.21 20.86 -18.84
C ALA D 49 16.54 19.55 -19.21
N LEU D 50 16.07 19.46 -20.45
CA LEU D 50 15.41 18.24 -20.91
C LEU D 50 16.22 17.57 -22.01
N TYR D 51 16.08 16.25 -22.13
CA TYR D 51 16.75 15.54 -23.20
C TYR D 51 15.90 15.99 -24.41
N ALA D 52 16.57 16.41 -25.48
CA ALA D 52 15.90 16.91 -26.69
C ALA D 52 14.84 15.99 -27.29
N LYS D 53 15.08 14.68 -27.25
CA LYS D 53 14.13 13.75 -27.83
C LYS D 53 13.18 13.13 -26.82
N PRO D 54 11.95 12.83 -27.25
CA PRO D 54 10.99 12.22 -26.33
C PRO D 54 11.26 10.72 -26.25
N VAL D 55 10.95 10.13 -25.12
CA VAL D 55 11.16 8.70 -24.93
C VAL D 55 9.81 8.05 -24.67
N GLN D 56 9.65 6.80 -25.12
CA GLN D 56 8.38 6.13 -24.93
C GLN D 56 8.45 5.24 -23.70
N VAL D 57 7.64 5.55 -22.68
CA VAL D 57 7.66 4.76 -21.45
C VAL D 57 6.67 3.60 -21.48
N TRP D 58 5.67 3.69 -22.36
CA TRP D 58 4.71 2.59 -22.48
C TRP D 58 4.01 2.57 -23.84
N ASP D 59 3.55 1.39 -24.22
CA ASP D 59 2.88 1.17 -25.51
C ASP D 59 1.44 0.75 -25.33
N SER D 60 0.52 1.58 -25.81
CA SER D 60 -0.91 1.33 -25.70
C SER D 60 -1.38 0.11 -26.50
N THR D 61 -0.59 -0.28 -27.49
CA THR D 61 -0.89 -1.43 -28.34
C THR D 61 -0.72 -2.73 -27.58
N THR D 62 0.48 -2.91 -27.05
CA THR D 62 0.83 -4.13 -26.31
C THR D 62 0.49 -4.02 -24.83
N GLY D 63 0.36 -2.79 -24.34
CA GLY D 63 0.05 -2.57 -22.94
C GLY D 63 1.31 -2.62 -22.09
N ASN D 64 2.45 -2.89 -22.71
CA ASN D 64 3.72 -2.99 -22.02
C ASN D 64 4.25 -1.65 -21.52
N VAL D 65 4.96 -1.71 -20.41
CA VAL D 65 5.56 -0.52 -19.81
C VAL D 65 7.07 -0.73 -19.81
N ALA D 66 7.80 0.37 -19.93
CA ALA D 66 9.26 0.27 -19.97
C ALA D 66 9.92 0.23 -18.58
N SER D 67 11.14 -0.27 -18.55
CA SER D 67 11.95 -0.33 -17.36
C SER D 67 13.08 0.62 -17.72
N PHE D 68 13.61 1.33 -16.75
CA PHE D 68 14.71 2.21 -17.06
C PHE D 68 15.67 2.39 -15.90
N GLU D 69 16.84 2.94 -16.22
CA GLU D 69 17.84 3.18 -15.22
C GLU D 69 18.56 4.46 -15.63
N THR D 70 18.78 5.34 -14.68
CA THR D 70 19.49 6.57 -14.99
C THR D 70 20.44 6.86 -13.83
N ARG D 71 21.63 7.34 -14.16
CA ARG D 71 22.61 7.68 -13.16
C ARG D 71 23.13 9.07 -13.46
N PHE D 72 23.35 9.87 -12.43
CA PHE D 72 23.89 11.20 -12.62
C PHE D 72 24.59 11.67 -11.36
N SER D 73 25.41 12.69 -11.52
CA SER D 73 26.14 13.26 -10.42
C SER D 73 25.80 14.72 -10.34
N PHE D 74 25.61 15.23 -9.13
CA PHE D 74 25.29 16.63 -8.97
C PHE D 74 26.07 17.18 -7.80
N SER D 75 26.04 18.50 -7.68
CA SER D 75 26.72 19.15 -6.57
C SER D 75 25.90 20.38 -6.19
N ILE D 76 25.67 20.53 -4.89
CA ILE D 76 24.92 21.66 -4.39
C ILE D 76 25.81 22.35 -3.41
N ARG D 77 26.20 23.59 -3.72
CA ARG D 77 27.04 24.35 -2.80
C ARG D 77 26.17 25.40 -2.12
N GLN D 78 26.24 25.44 -0.80
CA GLN D 78 25.49 26.40 -0.03
C GLN D 78 26.46 27.42 0.58
N PRO D 79 26.73 28.51 -0.15
CA PRO D 79 27.62 29.63 0.23
C PRO D 79 27.18 30.33 1.51
N PHE D 80 25.87 30.51 1.65
CA PHE D 80 25.31 31.19 2.81
C PHE D 80 24.53 30.21 3.67
N PRO D 81 25.17 29.73 4.75
CA PRO D 81 24.55 28.79 5.68
C PRO D 81 23.29 29.32 6.38
N ARG D 82 23.20 30.64 6.54
CA ARG D 82 22.03 31.26 7.17
C ARG D 82 21.41 32.32 6.24
N PRO D 83 20.10 32.54 6.33
CA PRO D 83 19.12 31.91 7.22
C PRO D 83 18.69 30.52 6.78
N HIS D 84 18.69 30.29 5.46
CA HIS D 84 18.25 29.01 4.94
C HIS D 84 18.47 28.90 3.45
N PRO D 85 19.24 27.91 3.00
CA PRO D 85 19.49 27.73 1.57
C PRO D 85 18.20 27.20 0.95
N ALA D 86 18.02 27.39 -0.35
CA ALA D 86 16.80 26.92 -1.02
C ALA D 86 17.05 26.85 -2.53
N ASP D 87 16.26 26.08 -3.28
CA ASP D 87 15.17 25.25 -2.79
C ASP D 87 15.48 23.77 -3.00
N GLY D 88 16.21 23.46 -4.07
CA GLY D 88 16.57 22.08 -4.34
C GLY D 88 16.45 21.79 -5.81
N LEU D 89 16.74 20.55 -6.18
CA LEU D 89 16.66 20.15 -7.57
C LEU D 89 15.93 18.82 -7.69
N VAL D 90 15.43 18.53 -8.89
CA VAL D 90 14.71 17.30 -9.12
C VAL D 90 15.02 16.71 -10.48
N PHE D 91 14.77 15.40 -10.59
CA PHE D 91 14.89 14.68 -11.85
C PHE D 91 13.39 14.40 -12.09
N PHE D 92 12.89 14.70 -13.27
CA PHE D 92 11.47 14.45 -13.48
C PHE D 92 11.12 13.87 -14.83
N ILE D 93 9.89 13.38 -14.93
CA ILE D 93 9.35 12.81 -16.16
C ILE D 93 8.00 13.49 -16.33
N ALA D 94 7.79 14.08 -17.50
CA ALA D 94 6.54 14.79 -17.76
C ALA D 94 6.15 14.70 -19.22
N PRO D 95 4.90 15.09 -19.54
CA PRO D 95 4.45 15.03 -20.94
C PRO D 95 5.38 15.96 -21.74
N PRO D 96 5.53 15.71 -23.04
CA PRO D 96 6.43 16.62 -23.78
C PRO D 96 5.80 17.99 -24.03
N ASN D 97 6.65 18.99 -24.29
CA ASN D 97 6.17 20.33 -24.59
C ASN D 97 5.51 21.07 -23.41
N THR D 98 5.99 20.83 -22.19
CA THR D 98 5.44 21.51 -21.02
C THR D 98 6.38 22.64 -20.62
N GLN D 99 5.81 23.74 -20.14
CA GLN D 99 6.61 24.90 -19.74
C GLN D 99 7.05 24.84 -18.29
N THR D 100 8.05 25.64 -17.96
CA THR D 100 8.54 25.68 -16.60
C THR D 100 7.39 26.09 -15.68
N GLY D 101 7.26 25.41 -14.54
CA GLY D 101 6.22 25.74 -13.60
C GLY D 101 6.70 26.82 -12.64
N GLU D 102 6.05 26.91 -11.50
CA GLU D 102 6.39 27.90 -10.49
C GLU D 102 7.76 27.57 -9.89
N GLY D 103 8.47 28.58 -9.45
CA GLY D 103 9.78 28.37 -8.85
C GLY D 103 9.70 28.07 -7.36
N GLY D 104 10.68 28.55 -6.61
CA GLY D 104 10.67 28.30 -5.18
C GLY D 104 10.58 26.83 -4.84
N GLY D 105 9.75 26.52 -3.86
CA GLY D 105 9.60 25.15 -3.41
C GLY D 105 8.91 24.25 -4.41
N TYR D 106 8.54 24.80 -5.56
CA TYR D 106 7.89 24.01 -6.59
C TYR D 106 8.92 23.53 -7.65
N PHE D 107 10.18 23.90 -7.42
CA PHE D 107 11.30 23.48 -8.27
C PHE D 107 11.16 23.80 -9.75
N GLY D 108 10.06 24.42 -10.13
CA GLY D 108 9.87 24.72 -11.53
C GLY D 108 9.16 23.60 -12.31
N ILE D 109 8.62 22.60 -11.60
CA ILE D 109 7.91 21.53 -12.29
C ILE D 109 6.43 21.53 -11.99
N TYR D 110 6.02 22.21 -10.93
CA TYR D 110 4.61 22.24 -10.59
C TYR D 110 3.99 23.57 -10.97
N ASN D 111 2.83 23.51 -11.61
CA ASN D 111 2.12 24.70 -12.03
C ASN D 111 0.67 24.61 -11.57
N PRO D 112 0.33 25.32 -10.48
CA PRO D 112 -1.03 25.30 -9.94
C PRO D 112 -2.08 25.80 -10.93
N LEU D 113 -1.66 26.76 -11.73
CA LEU D 113 -2.55 27.34 -12.72
C LEU D 113 -3.03 26.23 -13.64
N SER D 114 -2.12 25.71 -14.46
CA SER D 114 -2.44 24.66 -15.40
C SER D 114 -1.52 23.48 -15.16
N PRO D 115 -1.82 22.68 -14.12
CA PRO D 115 -1.00 21.52 -13.77
C PRO D 115 -0.96 20.40 -14.81
N TYR D 116 0.22 19.79 -14.94
CA TYR D 116 0.41 18.68 -15.86
C TYR D 116 0.99 17.57 -15.02
N PRO D 117 0.71 16.31 -15.39
CA PRO D 117 1.23 15.16 -14.62
C PRO D 117 2.74 15.04 -14.69
N PHE D 118 3.32 14.44 -13.67
CA PHE D 118 4.76 14.23 -13.64
C PHE D 118 5.17 13.32 -12.51
N VAL D 119 6.33 12.68 -12.68
CA VAL D 119 6.90 11.81 -11.65
C VAL D 119 8.25 12.42 -11.46
N ALA D 120 8.63 12.66 -10.21
CA ALA D 120 9.92 13.28 -9.94
C ALA D 120 10.61 12.79 -8.68
N VAL D 121 11.93 12.88 -8.66
CA VAL D 121 12.69 12.51 -7.48
C VAL D 121 13.35 13.81 -7.06
N GLU D 122 13.02 14.26 -5.87
CA GLU D 122 13.54 15.52 -5.40
C GLU D 122 14.62 15.42 -4.37
N PHE D 123 15.47 16.44 -4.37
CA PHE D 123 16.55 16.59 -3.41
C PHE D 123 16.24 17.97 -2.87
N ASP D 124 15.35 17.95 -1.89
CA ASP D 124 14.80 19.12 -1.23
C ASP D 124 15.66 19.69 -0.13
N THR D 125 15.97 20.98 -0.21
CA THR D 125 16.84 21.67 0.76
C THR D 125 16.17 22.74 1.65
N PHE D 126 14.97 23.15 1.29
CA PHE D 126 14.24 24.16 2.05
C PHE D 126 12.97 23.54 2.58
N ARG D 127 12.64 23.80 3.84
CA ARG D 127 11.42 23.18 4.38
C ARG D 127 10.17 24.03 4.28
N ASN D 128 9.30 23.65 3.35
CA ASN D 128 8.03 24.38 3.17
C ASN D 128 7.02 23.83 4.19
N THR D 129 5.84 24.44 4.24
CA THR D 129 4.81 23.99 5.17
C THR D 129 4.45 22.52 5.00
N TRP D 130 4.58 21.99 3.79
CA TRP D 130 4.24 20.60 3.53
C TRP D 130 5.40 19.63 3.66
N ASP D 131 6.56 20.13 4.08
CA ASP D 131 7.75 19.32 4.20
C ASP D 131 8.19 18.82 5.56
N PRO D 132 8.91 17.69 5.56
CA PRO D 132 9.43 17.12 6.80
C PRO D 132 10.83 17.77 6.88
N GLN D 133 11.60 17.44 7.90
CA GLN D 133 12.94 17.98 8.08
C GLN D 133 13.74 17.90 6.76
N ILE D 134 14.58 18.89 6.49
CA ILE D 134 15.40 18.88 5.28
C ILE D 134 16.88 18.80 5.66
N PRO D 135 17.74 18.39 4.71
CA PRO D 135 17.38 18.00 3.35
C PRO D 135 16.76 16.61 3.37
N HIS D 136 16.06 16.27 2.30
CA HIS D 136 15.50 14.94 2.18
C HIS D 136 15.32 14.54 0.73
N ILE D 137 15.25 13.24 0.48
CA ILE D 137 15.00 12.75 -0.86
C ILE D 137 13.51 12.52 -0.82
N GLY D 138 12.83 12.76 -1.93
CA GLY D 138 11.40 12.54 -1.94
C GLY D 138 10.95 12.02 -3.29
N ILE D 139 9.88 11.25 -3.28
CA ILE D 139 9.33 10.71 -4.51
C ILE D 139 8.03 11.48 -4.71
N ASP D 140 7.93 12.20 -5.82
CA ASP D 140 6.74 12.98 -6.11
C ASP D 140 5.95 12.49 -7.30
N VAL D 141 4.64 12.43 -7.14
CA VAL D 141 3.77 12.01 -8.23
C VAL D 141 2.69 13.09 -8.33
N ASN D 142 2.74 13.88 -9.41
CA ASN D 142 1.77 14.95 -9.62
C ASN D 142 1.75 16.05 -8.57
N SER D 143 2.70 16.06 -7.66
CA SER D 143 2.73 17.09 -6.65
C SER D 143 4.04 17.04 -5.88
N VAL D 144 4.36 18.15 -5.20
CA VAL D 144 5.59 18.21 -4.45
C VAL D 144 5.37 17.75 -3.04
N ILE D 145 4.20 17.18 -2.77
CA ILE D 145 3.92 16.64 -1.44
C ILE D 145 4.23 15.14 -1.60
N SER D 146 5.50 14.81 -1.38
CA SER D 146 6.02 13.45 -1.57
C SER D 146 5.21 12.32 -0.99
N THR D 147 5.24 11.20 -1.68
CA THR D 147 4.55 10.00 -1.23
C THR D 147 5.44 9.34 -0.17
N LYS D 148 6.75 9.38 -0.40
CA LYS D 148 7.73 8.82 0.52
C LYS D 148 8.90 9.80 0.63
N THR D 149 9.56 9.83 1.78
CA THR D 149 10.70 10.70 2.00
C THR D 149 11.72 10.09 2.94
N VAL D 150 12.97 10.44 2.75
CA VAL D 150 14.05 9.96 3.59
C VAL D 150 15.05 11.13 3.75
N PRO D 151 15.44 11.41 4.99
CA PRO D 151 16.40 12.51 5.23
C PRO D 151 17.82 12.13 4.85
N PHE D 152 18.63 13.14 4.53
CA PHE D 152 20.01 12.89 4.21
C PHE D 152 20.82 14.13 4.62
N THR D 153 22.12 13.94 4.81
CA THR D 153 23.01 15.02 5.19
C THR D 153 23.85 15.38 3.97
N LEU D 154 23.70 16.61 3.51
CA LEU D 154 24.42 17.09 2.34
C LEU D 154 25.94 17.25 2.51
N ASP D 155 26.69 16.94 1.46
CA ASP D 155 28.13 17.12 1.48
C ASP D 155 28.25 18.47 0.75
N ASN D 156 28.26 19.56 1.53
CA ASN D 156 28.32 20.90 0.97
C ASN D 156 29.40 21.09 -0.08
N GLY D 157 28.97 21.34 -1.31
CA GLY D 157 29.92 21.53 -2.40
C GLY D 157 30.57 20.25 -2.85
N GLY D 158 30.25 19.13 -2.22
CA GLY D 158 30.83 17.85 -2.60
C GLY D 158 30.09 17.23 -3.77
N ILE D 159 30.54 16.07 -4.21
CA ILE D 159 29.92 15.37 -5.33
C ILE D 159 28.95 14.32 -4.79
N ALA D 160 27.82 14.17 -5.47
CA ALA D 160 26.81 13.20 -5.07
C ALA D 160 26.53 12.27 -6.26
N ASN D 161 26.47 10.97 -6.00
CA ASN D 161 26.16 10.03 -7.07
C ASN D 161 24.76 9.53 -6.82
N VAL D 162 23.94 9.53 -7.86
CA VAL D 162 22.58 9.08 -7.74
C VAL D 162 22.27 7.99 -8.75
N VAL D 163 21.49 7.01 -8.31
CA VAL D 163 21.10 5.93 -9.19
C VAL D 163 19.60 5.79 -9.06
N ILE D 164 18.88 5.93 -10.16
CA ILE D 164 17.43 5.78 -10.10
C ILE D 164 17.08 4.64 -11.02
N LYS D 165 16.38 3.66 -10.49
CA LYS D 165 16.00 2.48 -11.24
C LYS D 165 14.51 2.20 -11.13
N TYR D 166 13.90 1.85 -12.26
CA TYR D 166 12.47 1.55 -12.29
C TYR D 166 12.26 0.19 -12.96
N ASP D 167 11.60 -0.71 -12.25
CA ASP D 167 11.33 -2.04 -12.77
C ASP D 167 9.84 -2.19 -13.04
N ALA D 168 9.47 -2.27 -14.30
CA ALA D 168 8.07 -2.37 -14.67
C ALA D 168 7.33 -3.58 -14.10
N SER D 169 8.00 -4.72 -14.02
CA SER D 169 7.35 -5.92 -13.53
C SER D 169 6.85 -5.78 -12.10
N THR D 170 7.56 -5.03 -11.27
CA THR D 170 7.15 -4.86 -9.89
C THR D 170 6.62 -3.44 -9.61
N LYS D 171 6.84 -2.53 -10.55
CA LYS D 171 6.40 -1.14 -10.41
C LYS D 171 7.18 -0.44 -9.31
N ILE D 172 8.34 -0.97 -8.96
CA ILE D 172 9.15 -0.35 -7.94
C ILE D 172 10.11 0.70 -8.50
N LEU D 173 10.10 1.87 -7.89
CA LEU D 173 11.00 2.94 -8.28
C LEU D 173 11.95 3.04 -7.09
N HIS D 174 13.22 2.73 -7.30
CA HIS D 174 14.17 2.85 -6.20
C HIS D 174 15.31 3.78 -6.56
N VAL D 175 15.63 4.66 -5.64
CA VAL D 175 16.70 5.60 -5.86
C VAL D 175 17.75 5.46 -4.78
N VAL D 176 19.02 5.63 -5.16
CA VAL D 176 20.15 5.52 -4.24
C VAL D 176 20.94 6.81 -4.36
N LEU D 177 21.34 7.35 -3.21
CA LEU D 177 22.14 8.57 -3.14
C LEU D 177 23.41 8.24 -2.37
N VAL D 178 24.56 8.56 -2.96
CA VAL D 178 25.82 8.27 -2.32
C VAL D 178 26.74 9.48 -2.39
N PHE D 179 27.39 9.78 -1.26
CA PHE D 179 28.37 10.88 -1.20
C PHE D 179 29.71 10.18 -0.98
N PRO D 180 30.44 9.88 -2.07
CA PRO D 180 31.74 9.20 -1.99
C PRO D 180 32.74 9.78 -0.99
N SER D 181 32.85 11.11 -0.91
CA SER D 181 33.79 11.70 0.04
C SER D 181 33.45 11.37 1.49
N LEU D 182 32.17 11.11 1.78
CA LEU D 182 31.78 10.80 3.15
C LEU D 182 31.49 9.32 3.33
N GLY D 183 31.28 8.63 2.20
CA GLY D 183 30.98 7.22 2.25
C GLY D 183 29.58 6.91 2.74
N THR D 184 28.72 7.92 2.76
CA THR D 184 27.35 7.72 3.21
C THR D 184 26.45 7.23 2.07
N ILE D 185 25.43 6.45 2.42
CA ILE D 185 24.51 5.88 1.45
C ILE D 185 23.08 6.03 1.92
N TYR D 186 22.24 6.55 1.04
CA TYR D 186 20.84 6.77 1.35
C TYR D 186 20.01 6.08 0.30
N THR D 187 18.98 5.38 0.75
CA THR D 187 18.13 4.65 -0.17
C THR D 187 16.64 4.85 0.11
N ILE D 188 15.87 4.94 -0.95
CA ILE D 188 14.44 5.11 -0.83
C ILE D 188 13.75 4.49 -2.03
N ALA D 189 12.58 3.89 -1.81
CA ALA D 189 11.85 3.27 -2.89
C ALA D 189 10.36 3.37 -2.64
N ASP D 190 9.58 3.23 -3.70
CA ASP D 190 8.14 3.26 -3.59
C ASP D 190 7.54 2.69 -4.85
N ILE D 191 6.25 2.38 -4.81
CA ILE D 191 5.55 1.81 -5.95
C ILE D 191 4.86 2.91 -6.74
N VAL D 192 5.13 2.94 -8.05
CA VAL D 192 4.56 3.94 -8.94
C VAL D 192 4.16 3.30 -10.26
N ASP D 193 2.91 3.50 -10.65
CA ASP D 193 2.41 2.95 -11.91
C ASP D 193 2.50 4.03 -12.99
N LEU D 194 3.59 4.05 -13.73
CA LEU D 194 3.78 5.05 -14.78
C LEU D 194 2.65 5.12 -15.79
N LYS D 195 2.19 3.96 -16.24
CA LYS D 195 1.11 3.88 -17.21
C LYS D 195 -0.15 4.55 -16.70
N GLN D 196 -0.31 4.60 -15.39
CA GLN D 196 -1.50 5.21 -14.79
C GLN D 196 -1.40 6.72 -14.65
N VAL D 197 -0.19 7.27 -14.65
CA VAL D 197 -0.05 8.70 -14.44
C VAL D 197 0.50 9.50 -15.60
N LEU D 198 1.25 8.86 -16.49
CA LEU D 198 1.87 9.56 -17.62
C LEU D 198 1.43 9.06 -18.97
N PRO D 199 1.59 9.90 -20.01
CA PRO D 199 1.20 9.54 -21.37
C PRO D 199 2.28 8.61 -21.97
N GLU D 200 2.00 8.01 -23.13
CA GLU D 200 2.97 7.08 -23.75
C GLU D 200 4.35 7.68 -23.97
N SER D 201 4.41 8.94 -24.42
CA SER D 201 5.69 9.57 -24.66
C SER D 201 5.90 10.70 -23.67
N VAL D 202 7.13 10.84 -23.18
CA VAL D 202 7.44 11.84 -22.19
C VAL D 202 8.82 12.44 -22.41
N ASN D 203 9.12 13.43 -21.57
CA ASN D 203 10.41 14.12 -21.58
C ASN D 203 11.07 13.78 -20.25
N VAL D 204 12.39 13.71 -20.22
CA VAL D 204 13.09 13.41 -18.97
C VAL D 204 14.11 14.49 -18.78
N GLY D 205 14.34 14.89 -17.53
CA GLY D 205 15.32 15.93 -17.30
C GLY D 205 15.45 16.37 -15.85
N PHE D 206 16.02 17.56 -15.65
CA PHE D 206 16.22 18.12 -14.34
C PHE D 206 15.60 19.50 -14.25
N SER D 207 15.36 19.95 -13.03
CA SER D 207 14.81 21.27 -12.80
C SER D 207 15.21 21.63 -11.39
N ALA D 208 15.55 22.91 -11.18
CA ALA D 208 15.95 23.37 -9.88
C ALA D 208 15.49 24.79 -9.68
N ALA D 209 15.57 25.30 -8.46
CA ALA D 209 15.11 26.64 -8.17
C ALA D 209 15.74 27.16 -6.89
N THR D 210 15.95 28.49 -6.82
CA THR D 210 16.51 29.10 -5.61
C THR D 210 15.40 29.91 -4.94
N GLY D 211 15.71 30.47 -3.77
CA GLY D 211 14.72 31.23 -3.01
C GLY D 211 13.83 32.17 -3.80
N ASP D 212 12.53 32.08 -3.55
CA ASP D 212 11.56 32.95 -4.21
C ASP D 212 11.55 34.31 -3.49
N PRO D 213 11.47 35.41 -4.25
CA PRO D 213 11.46 36.78 -3.69
C PRO D 213 10.48 36.97 -2.53
N SER D 214 9.34 36.28 -2.58
CA SER D 214 8.32 36.41 -1.55
C SER D 214 8.87 36.13 -0.15
N GLY D 215 9.98 35.38 -0.09
CA GLY D 215 10.61 35.06 1.18
C GLY D 215 11.43 36.20 1.74
N LYS D 216 11.68 37.21 0.90
CA LYS D 216 12.43 38.39 1.31
C LYS D 216 13.83 38.07 1.82
N GLN D 217 14.46 37.03 1.26
CA GLN D 217 15.81 36.66 1.68
C GLN D 217 16.69 36.34 0.47
N ARG D 218 17.70 37.17 0.25
CA ARG D 218 18.62 36.95 -0.87
C ARG D 218 19.59 35.82 -0.58
N ASN D 219 19.70 35.42 0.69
CA ASN D 219 20.60 34.34 1.05
C ASN D 219 19.94 32.99 0.86
N ALA D 220 18.66 33.00 0.53
CA ALA D 220 17.91 31.78 0.30
C ALA D 220 18.33 31.25 -1.07
N THR D 221 19.55 30.76 -1.17
CA THR D 221 20.03 30.24 -2.43
C THR D 221 21.20 29.26 -2.30
N GLU D 222 21.55 28.64 -3.41
CA GLU D 222 22.64 27.67 -3.47
C GLU D 222 22.82 27.29 -4.93
N THR D 223 23.83 26.49 -5.24
CA THR D 223 24.03 26.05 -6.62
C THR D 223 23.31 24.71 -6.84
N HIS D 224 23.03 24.39 -8.10
CA HIS D 224 22.40 23.14 -8.44
C HIS D 224 23.06 22.69 -9.75
N ASP D 225 24.25 22.09 -9.62
CA ASP D 225 25.00 21.67 -10.78
C ASP D 225 24.92 20.19 -11.08
N ILE D 226 24.82 19.86 -12.36
CA ILE D 226 24.77 18.47 -12.81
C ILE D 226 26.12 18.21 -13.51
N LEU D 227 26.89 17.24 -13.01
CA LEU D 227 28.19 16.95 -13.61
C LEU D 227 28.18 15.95 -14.75
N SER D 228 27.33 14.92 -14.67
CA SER D 228 27.26 13.90 -15.72
C SER D 228 25.89 13.25 -15.67
N TRP D 229 25.51 12.57 -16.75
CA TRP D 229 24.18 11.96 -16.79
C TRP D 229 24.00 10.91 -17.88
N SER D 230 23.60 9.71 -17.48
CA SER D 230 23.34 8.62 -18.42
C SER D 230 21.93 8.08 -18.18
N PHE D 231 21.28 7.65 -19.24
CA PHE D 231 19.92 7.16 -19.17
C PHE D 231 19.77 5.93 -20.05
N SER D 232 18.83 5.06 -19.72
CA SER D 232 18.63 3.84 -20.48
C SER D 232 17.24 3.24 -20.24
N ALA D 233 16.43 3.18 -21.28
CA ALA D 233 15.07 2.62 -21.18
C ALA D 233 14.84 1.41 -22.08
N SER D 234 14.03 0.47 -21.64
CA SER D 234 13.75 -0.73 -22.43
C SER D 234 12.26 -1.00 -22.55
N LEU D 235 11.76 -0.92 -23.77
CA LEU D 235 10.36 -1.18 -24.03
C LEU D 235 10.20 -2.49 -24.82
N PRO D 236 9.87 -3.59 -24.15
CA PRO D 236 9.70 -4.86 -24.88
C PRO D 236 8.55 -4.76 -25.87
N GLY D 237 8.88 -4.69 -27.16
CA GLY D 237 7.88 -4.56 -28.19
C GLY D 237 7.46 -3.11 -28.43
#